data_3IK7
#
_entry.id   3IK7
#
_cell.length_a   59.023
_cell.length_b   153.041
_cell.length_c   60.831
_cell.angle_alpha   90.000
_cell.angle_beta   103.100
_cell.angle_gamma   90.000
#
_symmetry.space_group_name_H-M   'P 1 21 1'
#
loop_
_entity.id
_entity.type
_entity.pdbx_description
1 polymer 'Glutathione S-transferase A4'
2 non-polymer '(S)-2-amino-5-((R)-1-(carboxymethylamino)-3-((3S,4R)-1,4-dihydroxynonan-3-ylthio)-1-oxopropan-2-ylamino)-5-oxopentanoic acid'
3 non-polymer 'SULFATE ION'
4 water water
#
_entity_poly.entity_id   1
_entity_poly.type   'polypeptide(L)'
_entity_poly.pdbx_seq_one_letter_code
;MAARPKLHYPNGRGRMESVRWVLAAAGVEFDEEFLETKEQLYKLQDGNHLLFQQVPMVEIDGMKLVQTRSILHYIADKHN
LFGKNLKERTLIDMYVEGTLDLLELLIMHPFLKPDDQQKEVVNMAQKAIIRYFPVFEKILRGHGQSFLVGNQLSLADVIL
LQTILALEEKIPNILSAFPFLQEYTVKLSNIPTIKRFLEPGSKKKPPPDEIYVRTVYNIFRP
;
_entity_poly.pdbx_strand_id   A,B,C,D
#
loop_
_chem_comp.id
_chem_comp.type
_chem_comp.name
_chem_comp.formula
BOB non-polymer '(S)-2-amino-5-((R)-1-(carboxymethylamino)-3-((3S,4R)-1,4-dihydroxynonan-3-ylthio)-1-oxopropan-2-ylamino)-5-oxopentanoic acid' 'C19 H35 N3 O8 S'
SO4 non-polymer 'SULFATE ION' 'O4 S -2'
#
# COMPACT_ATOMS: atom_id res chain seq x y z
N ALA A 2 3.41 -11.08 -13.31
CA ALA A 2 2.45 -10.06 -12.80
C ALA A 2 2.79 -9.71 -11.34
N ALA A 3 2.89 -8.41 -11.04
CA ALA A 3 3.12 -7.91 -9.68
C ALA A 3 1.82 -7.88 -8.87
N ARG A 4 0.70 -7.98 -9.58
CA ARG A 4 -0.63 -8.05 -9.00
C ARG A 4 -0.94 -9.50 -8.61
N PRO A 5 -0.97 -9.82 -7.30
CA PRO A 5 -1.28 -11.22 -7.03
C PRO A 5 -2.68 -11.66 -7.52
N LYS A 6 -2.81 -12.94 -7.85
CA LYS A 6 -4.10 -13.53 -8.19
C LYS A 6 -4.39 -14.68 -7.25
N LEU A 7 -5.49 -14.59 -6.50
CA LEU A 7 -5.83 -15.57 -5.49
C LEU A 7 -6.90 -16.58 -5.99
N HIS A 8 -6.58 -17.87 -5.91
CA HIS A 8 -7.47 -18.95 -6.38
C HIS A 8 -8.07 -19.64 -5.20
N TYR A 9 -9.40 -19.53 -5.06
CA TYR A 9 -10.10 -20.05 -3.90
C TYR A 9 -11.59 -19.84 -4.08
N PRO A 10 -12.43 -20.56 -3.33
CA PRO A 10 -13.83 -20.16 -3.45
C PRO A 10 -14.09 -18.74 -2.95
N ASN A 11 -15.28 -18.23 -3.27
CA ASN A 11 -15.71 -16.93 -2.79
C ASN A 11 -16.12 -16.99 -1.31
N GLY A 12 -15.13 -16.85 -0.43
CA GLY A 12 -15.33 -17.02 1.00
C GLY A 12 -13.99 -17.03 1.75
N ARG A 13 -14.06 -17.08 3.06
CA ARG A 13 -12.89 -16.89 3.91
C ARG A 13 -11.96 -18.09 3.85
N GLY A 14 -12.42 -19.19 4.44
CA GLY A 14 -11.63 -20.41 4.55
C GLY A 14 -10.21 -20.11 4.99
N ARG A 15 -9.25 -20.79 4.34
CA ARG A 15 -7.83 -20.64 4.60
C ARG A 15 -7.23 -19.42 3.91
N MET A 16 -7.87 -18.97 2.85
CA MET A 16 -7.35 -17.85 2.05
C MET A 16 -7.47 -16.51 2.73
N GLU A 17 -8.41 -16.35 3.66
CA GLU A 17 -8.63 -15.03 4.31
C GLU A 17 -7.38 -14.47 5.01
N SER A 18 -6.54 -15.35 5.56
CA SER A 18 -5.26 -14.88 6.15
C SER A 18 -4.38 -14.22 5.09
N VAL A 19 -4.41 -14.77 3.88
CA VAL A 19 -3.63 -14.21 2.78
C VAL A 19 -4.20 -12.84 2.34
N ARG A 20 -5.53 -12.76 2.22
CA ARG A 20 -6.18 -11.49 1.95
C ARG A 20 -5.85 -10.41 3.02
N TRP A 21 -5.82 -10.83 4.26
CA TRP A 21 -5.46 -9.95 5.37
C TRP A 21 -4.04 -9.38 5.26
N VAL A 22 -3.07 -10.26 4.99
CA VAL A 22 -1.67 -9.84 4.94
C VAL A 22 -1.43 -8.97 3.70
N LEU A 23 -2.04 -9.32 2.57
CA LEU A 23 -1.87 -8.49 1.37
C LEU A 23 -2.44 -7.08 1.59
N ALA A 24 -3.66 -7.00 2.11
CA ALA A 24 -4.32 -5.70 2.39
C ALA A 24 -3.48 -4.92 3.40
N ALA A 25 -3.06 -5.58 4.48
CA ALA A 25 -2.23 -4.93 5.48
C ALA A 25 -0.97 -4.34 4.86
N ALA A 26 -0.35 -5.07 3.92
CA ALA A 26 0.85 -4.56 3.24
C ALA A 26 0.57 -3.52 2.14
N GLY A 27 -0.69 -3.17 1.88
CA GLY A 27 -1.03 -2.24 0.82
C GLY A 27 -0.83 -2.80 -0.58
N VAL A 28 -1.09 -4.10 -0.75
CA VAL A 28 -0.96 -4.77 -2.04
C VAL A 28 -2.37 -5.01 -2.60
N GLU A 29 -2.69 -4.35 -3.71
CA GLU A 29 -3.89 -4.62 -4.49
C GLU A 29 -3.77 -6.02 -5.12
N PHE A 30 -4.87 -6.78 -5.15
CA PHE A 30 -4.82 -8.14 -5.69
C PHE A 30 -6.11 -8.47 -6.39
N ASP A 31 -6.06 -9.49 -7.25
CA ASP A 31 -7.23 -9.96 -7.97
C ASP A 31 -7.58 -11.36 -7.47
N GLU A 32 -8.84 -11.75 -7.67
CA GLU A 32 -9.32 -13.03 -7.20
C GLU A 32 -9.94 -13.80 -8.36
N GLU A 33 -9.73 -15.11 -8.40
CA GLU A 33 -10.37 -15.96 -9.39
C GLU A 33 -11.08 -17.05 -8.64
N PHE A 34 -12.40 -16.91 -8.55
CA PHE A 34 -13.17 -17.74 -7.67
C PHE A 34 -13.38 -19.14 -8.25
N LEU A 35 -13.21 -20.14 -7.39
CA LEU A 35 -13.59 -21.51 -7.70
C LEU A 35 -15.01 -21.66 -7.29
N GLU A 36 -15.85 -21.96 -8.27
CA GLU A 36 -17.25 -22.17 -8.00
C GLU A 36 -17.70 -23.61 -8.26
N THR A 37 -17.03 -24.36 -9.16
CA THR A 37 -17.42 -25.75 -9.40
C THR A 37 -16.27 -26.78 -9.37
N LYS A 38 -16.69 -28.04 -9.32
CA LYS A 38 -15.83 -29.21 -9.42
C LYS A 38 -14.95 -29.15 -10.66
N GLU A 39 -15.57 -28.73 -11.77
CA GLU A 39 -14.93 -28.67 -13.08
C GLU A 39 -13.78 -27.68 -13.12
N GLN A 40 -13.98 -26.54 -12.47
CA GLN A 40 -12.93 -25.51 -12.40
C GLN A 40 -11.74 -26.03 -11.59
N LEU A 41 -12.04 -26.74 -10.50
CA LEU A 41 -10.96 -27.34 -9.69
C LEU A 41 -10.19 -28.39 -10.50
N TYR A 42 -10.92 -29.27 -11.17
CA TYR A 42 -10.31 -30.26 -12.06
C TYR A 42 -9.39 -29.61 -13.05
N LYS A 43 -9.81 -28.48 -13.61
CA LYS A 43 -8.98 -27.78 -14.59
C LYS A 43 -7.68 -27.27 -13.97
N LEU A 44 -7.79 -26.75 -12.77
CA LEU A 44 -6.63 -26.24 -12.06
C LEU A 44 -5.66 -27.40 -11.75
N GLN A 45 -6.22 -28.56 -11.38
CA GLN A 45 -5.42 -29.73 -11.02
C GLN A 45 -4.81 -30.42 -12.23
N ASP A 46 -5.66 -30.67 -13.22
CA ASP A 46 -5.28 -31.32 -14.48
C ASP A 46 -4.20 -30.57 -15.26
N GLY A 47 -4.10 -29.27 -15.03
CA GLY A 47 -3.16 -28.43 -15.75
C GLY A 47 -1.85 -28.18 -15.02
N ASN A 48 -1.64 -28.86 -13.89
CA ASN A 48 -0.43 -28.68 -13.07
C ASN A 48 -0.18 -27.26 -12.51
N HIS A 49 -1.26 -26.54 -12.20
CA HIS A 49 -1.15 -25.19 -11.60
C HIS A 49 -1.07 -25.26 -10.05
N LEU A 50 -1.48 -26.41 -9.51
CA LEU A 50 -1.48 -26.68 -8.08
C LEU A 50 -0.42 -27.72 -7.72
N LEU A 51 0.67 -27.28 -7.07
CA LEU A 51 1.80 -28.12 -6.80
C LEU A 51 1.40 -29.44 -6.17
N PHE A 52 0.56 -29.40 -5.12
CA PHE A 52 0.11 -30.60 -4.45
C PHE A 52 -1.43 -30.77 -4.59
N GLN A 53 -1.98 -30.29 -5.71
CA GLN A 53 -3.36 -30.55 -6.12
C GLN A 53 -4.40 -29.81 -5.26
N GLN A 54 -3.94 -28.83 -4.48
CA GLN A 54 -4.78 -28.17 -3.51
C GLN A 54 -4.71 -26.65 -3.59
N VAL A 55 -5.75 -26.00 -3.05
CA VAL A 55 -5.73 -24.55 -2.76
C VAL A 55 -5.76 -24.34 -1.23
N PRO A 56 -5.42 -23.13 -0.76
CA PRO A 56 -5.09 -21.90 -1.46
C PRO A 56 -3.95 -22.01 -2.46
N MET A 57 -4.12 -21.36 -3.61
CA MET A 57 -3.01 -21.09 -4.50
C MET A 57 -3.02 -19.61 -4.89
N VAL A 58 -1.85 -19.00 -4.86
CA VAL A 58 -1.69 -17.59 -5.19
C VAL A 58 -0.65 -17.41 -6.28
N GLU A 59 -1.05 -16.80 -7.39
CA GLU A 59 -0.05 -16.40 -8.40
C GLU A 59 0.57 -15.05 -8.03
N ILE A 60 1.89 -15.04 -7.81
CA ILE A 60 2.59 -13.87 -7.30
C ILE A 60 4.08 -13.87 -7.74
N ASP A 61 4.51 -12.75 -8.31
CA ASP A 61 5.88 -12.55 -8.80
C ASP A 61 6.28 -13.67 -9.76
N GLY A 62 5.32 -14.12 -10.57
CA GLY A 62 5.54 -15.14 -11.59
C GLY A 62 5.53 -16.56 -11.09
N MET A 63 5.24 -16.76 -9.80
CA MET A 63 5.20 -18.09 -9.19
C MET A 63 3.79 -18.49 -8.79
N LYS A 64 3.55 -19.79 -8.65
CA LYS A 64 2.28 -20.34 -8.20
C LYS A 64 2.49 -20.98 -6.83
N LEU A 65 2.36 -20.16 -5.80
CA LEU A 65 2.57 -20.58 -4.43
C LEU A 65 1.36 -21.32 -3.83
N VAL A 66 1.62 -22.44 -3.16
CA VAL A 66 0.62 -23.16 -2.42
C VAL A 66 1.10 -23.33 -0.98
N GLN A 67 0.18 -23.81 -0.15
CA GLN A 67 0.37 -24.03 1.28
C GLN A 67 0.30 -22.70 1.98
N THR A 68 -0.79 -22.49 2.73
CA THR A 68 -1.09 -21.21 3.31
C THR A 68 0.12 -20.64 4.07
N ARG A 69 0.71 -21.43 4.95
CA ARG A 69 1.89 -20.97 5.71
C ARG A 69 3.05 -20.48 4.83
N SER A 70 3.35 -21.19 3.74
CA SER A 70 4.44 -20.78 2.84
C SER A 70 4.12 -19.49 2.07
N ILE A 71 2.84 -19.33 1.70
CA ILE A 71 2.39 -18.10 1.02
C ILE A 71 2.53 -16.88 1.95
N LEU A 72 2.11 -17.04 3.20
CA LEU A 72 2.20 -15.99 4.17
C LEU A 72 3.66 -15.59 4.45
N HIS A 73 4.52 -16.59 4.65
CA HIS A 73 5.98 -16.33 4.84
C HIS A 73 6.59 -15.52 3.68
N TYR A 74 6.27 -15.93 2.47
CA TYR A 74 6.77 -15.25 1.31
C TYR A 74 6.35 -13.77 1.28
N ILE A 75 5.05 -13.53 1.40
CA ILE A 75 4.54 -12.18 1.41
C ILE A 75 5.19 -11.37 2.56
N ALA A 76 5.35 -12.01 3.71
CA ALA A 76 5.93 -11.34 4.88
C ALA A 76 7.38 -10.94 4.62
N ASP A 77 8.12 -11.77 3.90
CA ASP A 77 9.50 -11.43 3.54
C ASP A 77 9.63 -10.39 2.45
N LYS A 78 8.64 -10.28 1.59
CA LYS A 78 8.66 -9.25 0.57
C LYS A 78 8.21 -7.87 1.07
N HIS A 79 7.59 -7.80 2.25
CA HIS A 79 6.97 -6.56 2.68
C HIS A 79 7.32 -6.19 4.13
N ASN A 80 8.46 -6.68 4.59
CA ASN A 80 9.00 -6.35 5.90
C ASN A 80 8.02 -6.58 7.05
N LEU A 81 7.38 -7.76 7.02
CA LEU A 81 6.46 -8.22 8.07
C LEU A 81 7.00 -9.42 8.84
N PHE A 82 8.30 -9.72 8.67
CA PHE A 82 8.90 -10.88 9.33
C PHE A 82 10.09 -10.47 10.23
N GLY A 83 10.05 -9.22 10.69
CA GLY A 83 11.01 -8.67 11.64
C GLY A 83 12.32 -8.30 10.96
N LYS A 84 13.28 -7.84 11.75
CA LYS A 84 14.53 -7.30 11.21
C LYS A 84 15.74 -8.14 11.54
N ASN A 85 15.55 -9.26 12.22
CA ASN A 85 16.62 -10.20 12.51
C ASN A 85 16.06 -11.57 12.88
N LEU A 86 16.94 -12.56 13.15
CA LEU A 86 16.50 -13.92 13.45
C LEU A 86 15.73 -14.03 14.77
N LYS A 87 16.11 -13.25 15.77
CA LYS A 87 15.41 -13.32 17.04
C LYS A 87 13.95 -12.91 16.85
N GLU A 88 13.73 -11.81 16.16
CA GLU A 88 12.37 -11.34 15.90
C GLU A 88 11.65 -12.32 15.00
N ARG A 89 12.31 -12.77 13.95
CA ARG A 89 11.72 -13.68 12.98
C ARG A 89 11.22 -14.94 13.68
N THR A 90 12.01 -15.44 14.62
CA THR A 90 11.68 -16.67 15.34
C THR A 90 10.44 -16.50 16.22
N LEU A 91 10.35 -15.35 16.89
CA LEU A 91 9.17 -15.04 17.71
C LEU A 91 7.93 -14.90 16.83
N ILE A 92 8.06 -14.22 15.70
CA ILE A 92 6.94 -14.02 14.78
C ILE A 92 6.41 -15.34 14.27
N ASP A 93 7.33 -16.24 13.95
CA ASP A 93 7.05 -17.55 13.43
C ASP A 93 6.24 -18.37 14.45
N MET A 94 6.72 -18.44 15.68
CA MET A 94 6.04 -19.19 16.73
C MET A 94 4.65 -18.62 17.00
N TYR A 95 4.56 -17.30 17.03
CA TYR A 95 3.27 -16.66 17.32
C TYR A 95 2.21 -16.94 16.24
N VAL A 96 2.62 -16.81 14.99
CA VAL A 96 1.77 -17.14 13.83
C VAL A 96 1.31 -18.60 13.91
N GLU A 97 2.26 -19.50 14.15
CA GLU A 97 1.96 -20.92 14.17
C GLU A 97 0.94 -21.26 15.25
N GLY A 98 1.13 -20.72 16.46
CA GLY A 98 0.17 -20.92 17.53
C GLY A 98 -1.17 -20.31 17.18
N THR A 99 -1.15 -19.07 16.70
CA THR A 99 -2.40 -18.40 16.33
C THR A 99 -3.18 -19.17 15.26
N LEU A 100 -2.47 -19.71 14.28
CA LEU A 100 -3.11 -20.56 13.27
C LEU A 100 -3.73 -21.84 13.84
N ASP A 101 -3.16 -22.39 14.91
CA ASP A 101 -3.82 -23.53 15.56
C ASP A 101 -5.17 -23.07 16.15
N LEU A 102 -5.26 -21.83 16.62
CA LEU A 102 -6.51 -21.32 17.17
C LEU A 102 -7.50 -20.98 16.02
N LEU A 103 -6.99 -20.28 15.00
CA LEU A 103 -7.79 -19.94 13.84
C LEU A 103 -8.37 -21.17 13.15
N GLU A 104 -7.65 -22.28 13.19
CA GLU A 104 -8.16 -23.56 12.66
C GLU A 104 -9.55 -23.94 13.18
N LEU A 105 -9.86 -23.63 14.44
CA LEU A 105 -11.17 -23.97 15.00
C LEU A 105 -12.31 -23.24 14.26
N LEU A 106 -12.04 -22.00 13.89
CA LEU A 106 -12.94 -21.16 13.11
C LEU A 106 -13.06 -21.64 11.67
N ILE A 107 -11.94 -22.03 11.08
CA ILE A 107 -11.92 -22.47 9.69
C ILE A 107 -12.80 -23.72 9.55
N MET A 108 -12.72 -24.61 10.53
CA MET A 108 -13.41 -25.88 10.45
C MET A 108 -14.82 -25.86 11.02
N HIS A 109 -15.16 -24.79 11.75
CA HIS A 109 -16.45 -24.69 12.44
C HIS A 109 -17.69 -24.80 11.52
N PRO A 110 -17.68 -24.18 10.34
CA PRO A 110 -18.84 -24.27 9.45
C PRO A 110 -19.17 -25.68 8.95
N PHE A 111 -18.24 -26.63 9.12
CA PHE A 111 -18.40 -27.97 8.56
C PHE A 111 -18.64 -29.03 9.63
N LEU A 112 -18.97 -28.61 10.83
CA LEU A 112 -19.32 -29.56 11.89
C LEU A 112 -20.82 -29.82 11.92
N LYS A 113 -21.23 -30.99 12.42
CA LYS A 113 -22.64 -31.25 12.70
C LYS A 113 -23.25 -30.10 13.52
N PRO A 114 -24.45 -29.62 13.13
CA PRO A 114 -25.09 -28.50 13.84
C PRO A 114 -25.19 -28.65 15.37
N ASP A 115 -25.25 -29.87 15.88
CA ASP A 115 -25.21 -30.07 17.34
C ASP A 115 -23.80 -29.82 17.92
N ASP A 116 -22.77 -30.25 17.18
CA ASP A 116 -21.39 -30.06 17.60
C ASP A 116 -20.94 -28.61 17.53
N GLN A 117 -21.61 -27.77 16.75
CA GLN A 117 -21.14 -26.40 16.55
C GLN A 117 -21.19 -25.61 17.87
N GLN A 118 -22.23 -25.86 18.66
CA GLN A 118 -22.46 -25.16 19.92
C GLN A 118 -21.36 -25.49 20.94
N LYS A 119 -21.11 -26.80 21.09
CA LYS A 119 -19.98 -27.33 21.87
C LYS A 119 -18.64 -26.75 21.41
N GLU A 120 -18.43 -26.63 20.10
CA GLU A 120 -17.17 -26.09 19.62
C GLU A 120 -17.00 -24.59 19.83
N VAL A 121 -18.08 -23.82 19.88
CA VAL A 121 -17.91 -22.40 20.26
C VAL A 121 -17.37 -22.29 21.71
N VAL A 122 -17.98 -23.06 22.62
CA VAL A 122 -17.53 -23.13 23.99
C VAL A 122 -16.06 -23.51 24.05
N ASN A 123 -15.68 -24.56 23.34
CA ASN A 123 -14.29 -25.06 23.38
C ASN A 123 -13.31 -24.08 22.73
N MET A 124 -13.78 -23.39 21.69
CA MET A 124 -13.07 -22.29 21.04
C MET A 124 -12.77 -21.18 22.05
N ALA A 125 -13.79 -20.80 22.83
CA ALA A 125 -13.66 -19.78 23.85
C ALA A 125 -12.61 -20.15 24.92
N GLN A 126 -12.63 -21.40 25.36
CA GLN A 126 -11.72 -21.87 26.40
C GLN A 126 -10.28 -21.88 25.93
N LYS A 127 -10.04 -22.36 24.70
CA LYS A 127 -8.68 -22.43 24.15
C LYS A 127 -8.10 -21.05 24.05
N ALA A 128 -8.90 -20.11 23.53
CA ALA A 128 -8.46 -18.74 23.37
C ALA A 128 -8.10 -18.13 24.71
N ILE A 129 -8.98 -18.29 25.70
CA ILE A 129 -8.78 -17.57 26.96
C ILE A 129 -7.74 -18.22 27.86
N ILE A 130 -7.57 -19.53 27.75
CA ILE A 130 -6.58 -20.23 28.55
C ILE A 130 -5.21 -20.26 27.87
N ARG A 131 -5.19 -20.60 26.58
CA ARG A 131 -3.94 -20.96 25.90
C ARG A 131 -3.19 -19.82 25.18
N TYR A 132 -3.93 -18.86 24.61
CA TYR A 132 -3.37 -17.90 23.66
C TYR A 132 -3.43 -16.46 24.14
N PHE A 133 -4.63 -15.98 24.44
CA PHE A 133 -4.77 -14.59 24.85
C PHE A 133 -3.87 -14.23 26.03
N PRO A 134 -3.77 -15.11 27.04
CA PRO A 134 -2.93 -14.65 28.16
C PRO A 134 -1.45 -14.49 27.78
N VAL A 135 -0.97 -15.23 26.80
CA VAL A 135 0.42 -15.11 26.37
C VAL A 135 0.64 -13.75 25.72
N PHE A 136 -0.29 -13.38 24.85
CA PHE A 136 -0.19 -12.13 24.10
C PHE A 136 -0.48 -10.90 24.96
N GLU A 137 -1.36 -11.02 25.94
CA GLU A 137 -1.67 -9.95 26.87
C GLU A 137 -0.41 -9.60 27.67
N LYS A 138 0.30 -10.63 28.13
CA LYS A 138 1.52 -10.43 28.91
C LYS A 138 2.65 -9.80 28.09
N ILE A 139 2.82 -10.23 26.84
CA ILE A 139 3.79 -9.60 25.92
C ILE A 139 3.55 -8.10 25.76
N LEU A 140 2.28 -7.72 25.57
CA LEU A 140 1.85 -6.36 25.30
C LEU A 140 1.77 -5.49 26.56
N ARG A 141 1.68 -6.12 27.72
CA ARG A 141 1.82 -5.43 28.98
C ARG A 141 3.34 -5.23 29.14
N GLY A 142 4.08 -6.31 28.91
CA GLY A 142 5.54 -6.40 29.09
C GLY A 142 6.45 -5.37 28.46
N HIS A 143 6.19 -5.00 27.20
CA HIS A 143 6.97 -3.90 26.56
C HIS A 143 6.13 -2.64 26.27
N GLY A 144 4.85 -2.68 26.65
CA GLY A 144 3.93 -1.57 26.43
C GLY A 144 3.96 -1.07 25.00
N GLN A 145 4.51 -1.88 24.08
CA GLN A 145 4.62 -1.49 22.68
C GLN A 145 3.33 -1.85 21.98
N SER A 146 3.01 -1.12 20.93
CA SER A 146 1.77 -1.34 20.20
C SER A 146 1.81 -2.67 19.43
N PHE A 147 2.99 -3.25 19.21
CA PHE A 147 3.11 -4.44 18.36
C PHE A 147 3.64 -5.63 19.16
N LEU A 148 3.35 -6.84 18.70
CA LEU A 148 3.82 -8.04 19.39
C LEU A 148 5.34 -8.16 19.36
N VAL A 149 5.96 -7.82 18.23
CA VAL A 149 7.42 -7.98 18.10
C VAL A 149 8.08 -6.75 17.49
N GLY A 150 9.17 -6.30 18.10
CA GLY A 150 9.88 -5.12 17.67
C GLY A 150 8.97 -3.93 17.85
N ASN A 151 9.10 -2.96 16.96
CA ASN A 151 8.21 -1.83 17.05
C ASN A 151 7.61 -1.57 15.69
N GLN A 152 7.22 -2.65 15.01
CA GLN A 152 6.61 -2.52 13.70
C GLN A 152 5.62 -3.67 13.41
N LEU A 153 4.71 -3.40 12.50
CA LEU A 153 3.72 -4.38 12.11
C LEU A 153 4.43 -5.63 11.62
N SER A 154 4.07 -6.80 12.17
CA SER A 154 4.51 -8.10 11.64
C SER A 154 3.37 -9.01 11.22
N LEU A 155 3.75 -10.12 10.60
CA LEU A 155 2.78 -11.14 10.21
C LEU A 155 1.99 -11.60 11.45
N ALA A 156 2.64 -11.68 12.60
CA ALA A 156 1.99 -12.12 13.81
C ALA A 156 0.87 -11.20 14.27
N ASP A 157 1.04 -9.88 14.08
CA ASP A 157 -0.02 -8.94 14.43
C ASP A 157 -1.24 -9.13 13.51
N VAL A 158 -1.00 -9.28 12.21
CA VAL A 158 -2.07 -9.39 11.22
C VAL A 158 -2.89 -10.64 11.50
N ILE A 159 -2.22 -11.77 11.68
CA ILE A 159 -2.93 -13.01 11.91
C ILE A 159 -3.62 -12.98 13.30
N LEU A 160 -3.02 -12.37 14.31
CA LEU A 160 -3.68 -12.29 15.59
C LEU A 160 -4.93 -11.47 15.50
N LEU A 161 -4.86 -10.30 14.86
CA LEU A 161 -6.01 -9.45 14.69
C LEU A 161 -7.13 -10.23 13.97
N GLN A 162 -6.79 -10.87 12.86
CA GLN A 162 -7.78 -11.66 12.09
C GLN A 162 -8.51 -12.58 13.02
N THR A 163 -7.73 -13.31 13.81
CA THR A 163 -8.25 -14.32 14.71
C THR A 163 -9.09 -13.77 15.84
N ILE A 164 -8.62 -12.71 16.48
CA ILE A 164 -9.42 -12.04 17.51
C ILE A 164 -10.77 -11.56 16.94
N LEU A 165 -10.73 -10.90 15.79
CA LEU A 165 -11.95 -10.36 15.22
C LEU A 165 -12.93 -11.44 14.83
N ALA A 166 -12.43 -12.58 14.41
CA ALA A 166 -13.28 -13.67 13.95
C ALA A 166 -13.91 -14.37 15.15
N LEU A 167 -13.13 -14.54 16.20
CA LEU A 167 -13.67 -14.99 17.50
C LEU A 167 -14.77 -14.09 18.06
N GLU A 168 -14.53 -12.78 18.00
CA GLU A 168 -15.47 -11.77 18.54
C GLU A 168 -16.82 -11.79 17.82
N GLU A 169 -16.78 -12.13 16.54
CA GLU A 169 -18.01 -12.38 15.79
C GLU A 169 -18.88 -13.45 16.46
N LYS A 170 -18.25 -14.46 17.07
CA LYS A 170 -19.00 -15.51 17.71
C LYS A 170 -19.15 -15.34 19.22
N ILE A 171 -18.18 -14.69 19.86
CA ILE A 171 -18.14 -14.50 21.31
C ILE A 171 -17.78 -13.04 21.54
N PRO A 172 -18.81 -12.16 21.55
CA PRO A 172 -18.47 -10.75 21.46
C PRO A 172 -17.66 -10.18 22.63
N ASN A 173 -17.78 -10.79 23.80
CA ASN A 173 -17.09 -10.32 25.00
C ASN A 173 -15.77 -11.08 25.29
N ILE A 174 -15.26 -11.82 24.30
CA ILE A 174 -14.10 -12.71 24.53
C ILE A 174 -12.84 -11.98 25.05
N LEU A 175 -12.74 -10.69 24.75
CA LEU A 175 -11.60 -9.91 25.22
C LEU A 175 -11.82 -9.15 26.52
N SER A 176 -12.94 -9.38 27.22
CA SER A 176 -13.25 -8.55 28.39
C SER A 176 -12.20 -8.62 29.51
N ALA A 177 -11.53 -9.76 29.69
CA ALA A 177 -10.50 -9.88 30.73
C ALA A 177 -9.07 -9.60 30.22
N PHE A 178 -8.95 -9.01 29.03
CA PHE A 178 -7.68 -8.81 28.37
C PHE A 178 -7.59 -7.37 27.85
N PRO A 179 -7.50 -6.40 28.77
CA PRO A 179 -7.43 -4.96 28.42
C PRO A 179 -6.29 -4.55 27.47
N PHE A 180 -5.10 -5.10 27.65
CA PHE A 180 -4.04 -4.81 26.70
C PHE A 180 -4.39 -5.32 25.28
N LEU A 181 -5.04 -6.47 25.18
CA LEU A 181 -5.47 -6.94 23.85
C LEU A 181 -6.53 -6.05 23.23
N GLN A 182 -7.48 -5.60 24.05
CA GLN A 182 -8.48 -4.65 23.57
C GLN A 182 -7.82 -3.40 22.97
N GLU A 183 -6.87 -2.83 23.70
CA GLU A 183 -6.18 -1.61 23.27
C GLU A 183 -5.41 -1.91 21.96
N TYR A 184 -4.67 -3.01 21.96
CA TYR A 184 -3.94 -3.48 20.77
C TYR A 184 -4.86 -3.66 19.55
N THR A 185 -6.04 -4.21 19.76
CA THR A 185 -6.99 -4.44 18.66
C THR A 185 -7.47 -3.12 18.07
N VAL A 186 -7.63 -2.12 18.94
CA VAL A 186 -8.02 -0.80 18.50
C VAL A 186 -6.91 -0.09 17.74
N LYS A 187 -5.67 -0.15 18.24
CA LYS A 187 -4.52 0.39 17.51
C LYS A 187 -4.34 -0.22 16.13
N LEU A 188 -4.34 -1.55 16.04
CA LEU A 188 -4.11 -2.23 14.76
C LEU A 188 -5.25 -1.92 13.79
N SER A 189 -6.47 -1.96 14.30
CA SER A 189 -7.63 -1.67 13.47
C SER A 189 -7.65 -0.23 12.95
N ASN A 190 -6.80 0.64 13.50
CA ASN A 190 -6.68 2.03 13.04
C ASN A 190 -5.43 2.32 12.17
N ILE A 191 -4.63 1.30 11.91
CA ILE A 191 -3.56 1.41 10.92
C ILE A 191 -4.26 1.53 9.56
N PRO A 192 -3.96 2.59 8.79
CA PRO A 192 -4.76 2.91 7.61
C PRO A 192 -5.02 1.74 6.65
N THR A 193 -4.00 0.95 6.31
CA THR A 193 -4.22 -0.23 5.41
C THR A 193 -5.25 -1.21 5.99
N ILE A 194 -5.15 -1.43 7.29
CA ILE A 194 -6.05 -2.33 7.97
C ILE A 194 -7.41 -1.70 8.08
N LYS A 195 -7.45 -0.43 8.46
CA LYS A 195 -8.72 0.28 8.57
C LYS A 195 -9.48 0.25 7.24
N ARG A 196 -8.78 0.34 6.11
CA ARG A 196 -9.45 0.28 4.80
C ARG A 196 -9.98 -1.12 4.49
N PHE A 197 -9.25 -2.12 4.95
CA PHE A 197 -9.65 -3.51 4.77
C PHE A 197 -10.90 -3.82 5.53
N LEU A 198 -11.02 -3.25 6.72
CA LEU A 198 -12.21 -3.41 7.54
C LEU A 198 -13.45 -2.71 7.00
N GLU A 199 -13.28 -1.75 6.10
CA GLU A 199 -14.42 -1.01 5.56
C GLU A 199 -15.10 -1.78 4.45
N PRO A 200 -16.41 -1.53 4.26
CA PRO A 200 -17.16 -2.09 3.13
C PRO A 200 -16.48 -1.74 1.82
N GLY A 201 -16.49 -2.66 0.85
CA GLY A 201 -15.82 -2.43 -0.42
C GLY A 201 -14.43 -3.05 -0.55
N SER A 202 -13.82 -3.46 0.57
CA SER A 202 -12.55 -4.18 0.52
C SER A 202 -12.81 -5.60 0.04
N LYS A 203 -11.77 -6.40 -0.16
CA LYS A 203 -12.00 -7.81 -0.51
C LYS A 203 -12.09 -8.74 0.71
N LYS A 204 -12.12 -8.14 1.90
CA LYS A 204 -12.44 -8.89 3.12
C LYS A 204 -13.72 -9.67 2.90
N LYS A 205 -13.73 -10.94 3.30
CA LYS A 205 -14.90 -11.79 3.09
C LYS A 205 -15.76 -11.90 4.34
N PRO A 206 -17.08 -12.05 4.17
CA PRO A 206 -17.97 -12.18 5.32
C PRO A 206 -17.90 -13.55 5.98
N PRO A 207 -18.52 -13.69 7.16
CA PRO A 207 -18.62 -15.00 7.76
C PRO A 207 -19.25 -16.02 6.78
N PRO A 208 -18.89 -17.30 6.91
CA PRO A 208 -19.38 -18.28 5.92
C PRO A 208 -20.87 -18.56 6.02
N ASP A 209 -21.57 -18.48 4.90
CA ASP A 209 -23.00 -18.73 4.89
C ASP A 209 -23.28 -20.09 4.22
N GLU A 210 -24.56 -20.33 3.96
CA GLU A 210 -25.04 -21.60 3.41
C GLU A 210 -24.61 -21.74 1.93
N ILE A 211 -24.65 -20.64 1.18
CA ILE A 211 -24.13 -20.65 -0.19
C ILE A 211 -22.68 -21.15 -0.13
N TYR A 212 -21.86 -20.60 0.77
CA TYR A 212 -20.43 -20.94 0.81
C TYR A 212 -20.20 -22.40 1.17
N VAL A 213 -20.83 -22.86 2.25
CA VAL A 213 -20.62 -24.20 2.75
C VAL A 213 -21.01 -25.21 1.66
N ARG A 214 -22.20 -24.99 1.09
CA ARG A 214 -22.75 -25.81 0.03
C ARG A 214 -21.78 -25.89 -1.17
N THR A 215 -21.22 -24.75 -1.54
CA THR A 215 -20.24 -24.68 -2.62
C THR A 215 -19.02 -25.54 -2.32
N VAL A 216 -18.51 -25.51 -1.08
CA VAL A 216 -17.24 -26.22 -0.81
C VAL A 216 -17.45 -27.71 -0.83
N TYR A 217 -18.58 -28.18 -0.28
CA TYR A 217 -18.97 -29.59 -0.44
C TYR A 217 -19.08 -29.96 -1.92
N ASN A 218 -19.65 -29.08 -2.72
CA ASN A 218 -19.82 -29.32 -4.16
C ASN A 218 -18.52 -29.33 -4.94
N ILE A 219 -17.51 -28.65 -4.42
CA ILE A 219 -16.22 -28.56 -5.09
C ILE A 219 -15.29 -29.67 -4.63
N PHE A 220 -15.18 -29.85 -3.32
CA PHE A 220 -14.11 -30.65 -2.72
C PHE A 220 -14.55 -32.05 -2.27
N ARG A 221 -15.74 -32.51 -2.69
CA ARG A 221 -16.26 -33.80 -2.19
C ARG A 221 -16.70 -34.76 -3.28
N PRO A 222 -15.96 -35.89 -3.41
CA PRO A 222 -16.39 -37.04 -4.23
C PRO A 222 -17.03 -38.16 -3.40
N ALA B 3 25.55 -24.57 26.62
CA ALA B 3 24.25 -24.83 25.94
C ALA B 3 24.13 -26.31 25.53
N ARG B 4 23.30 -26.57 24.51
CA ARG B 4 23.13 -27.88 23.85
C ARG B 4 21.67 -28.33 23.87
N PRO B 5 21.08 -28.61 22.69
CA PRO B 5 19.61 -28.68 22.71
C PRO B 5 19.02 -29.79 23.59
N LYS B 6 17.97 -29.46 24.34
CA LYS B 6 17.19 -30.43 25.11
C LYS B 6 15.74 -30.44 24.61
N LEU B 7 15.29 -31.63 24.28
CA LEU B 7 14.00 -31.88 23.67
C LEU B 7 13.02 -32.42 24.70
N HIS B 8 11.83 -31.79 24.80
CA HIS B 8 10.83 -32.21 25.76
C HIS B 8 9.63 -32.84 25.02
N TYR B 9 9.41 -34.12 25.27
CA TYR B 9 8.41 -34.91 24.55
C TYR B 9 8.30 -36.26 25.24
N PRO B 10 7.23 -37.03 25.00
CA PRO B 10 7.29 -38.40 25.49
C PRO B 10 8.30 -39.20 24.65
N ASN B 11 8.63 -40.39 25.13
CA ASN B 11 9.67 -41.21 24.53
C ASN B 11 9.09 -41.99 23.33
N GLY B 12 9.15 -41.38 22.16
CA GLY B 12 8.51 -41.88 20.96
C GLY B 12 8.50 -40.80 19.88
N ARG B 13 8.04 -41.18 18.68
CA ARG B 13 8.21 -40.35 17.50
C ARG B 13 7.33 -39.12 17.54
N GLY B 14 6.02 -39.32 17.40
CA GLY B 14 5.09 -38.19 17.33
C GLY B 14 5.56 -37.09 16.39
N ARG B 15 5.43 -35.85 16.86
CA ARG B 15 5.76 -34.67 16.10
C ARG B 15 7.22 -34.28 16.30
N MET B 16 7.80 -34.73 17.41
CA MET B 16 9.20 -34.39 17.73
C MET B 16 10.22 -35.08 16.83
N GLU B 17 9.82 -36.17 16.17
CA GLU B 17 10.72 -36.98 15.36
C GLU B 17 11.36 -36.19 14.20
N SER B 18 10.59 -35.29 13.59
CA SER B 18 11.16 -34.41 12.57
C SER B 18 12.33 -33.57 13.13
N VAL B 19 12.22 -33.11 14.38
CA VAL B 19 13.25 -32.27 14.99
C VAL B 19 14.51 -33.12 15.23
N ARG B 20 14.32 -34.36 15.66
CA ARG B 20 15.43 -35.30 15.89
C ARG B 20 16.18 -35.54 14.57
N TRP B 21 15.43 -35.83 13.50
CA TRP B 21 15.99 -35.99 12.17
C TRP B 21 16.85 -34.81 11.74
N VAL B 22 16.32 -33.60 11.90
CA VAL B 22 17.01 -32.42 11.40
C VAL B 22 18.24 -32.09 12.27
N LEU B 23 18.13 -32.28 13.56
CA LEU B 23 19.32 -32.10 14.43
C LEU B 23 20.42 -33.11 14.11
N ALA B 24 20.04 -34.40 14.01
CA ALA B 24 20.99 -35.48 13.67
C ALA B 24 21.62 -35.19 12.31
N ALA B 25 20.77 -34.82 11.34
CA ALA B 25 21.26 -34.54 10.00
C ALA B 25 22.24 -33.37 9.97
N ALA B 26 22.06 -32.39 10.84
CA ALA B 26 22.94 -31.24 10.90
C ALA B 26 24.24 -31.53 11.67
N GLY B 27 24.34 -32.71 12.27
CA GLY B 27 25.48 -33.09 13.11
C GLY B 27 25.35 -32.53 14.53
N VAL B 28 24.13 -32.37 15.03
CA VAL B 28 23.95 -31.75 16.35
C VAL B 28 23.53 -32.80 17.35
N GLU B 29 24.39 -33.01 18.34
CA GLU B 29 24.07 -33.91 19.44
C GLU B 29 23.08 -33.22 20.33
N PHE B 30 22.15 -33.98 20.90
CA PHE B 30 21.13 -33.39 21.75
C PHE B 30 20.74 -34.30 22.89
N ASP B 31 20.12 -33.72 23.91
CA ASP B 31 19.53 -34.48 25.02
C ASP B 31 18.02 -34.46 24.93
N GLU B 32 17.40 -35.39 25.66
CA GLU B 32 15.97 -35.50 25.74
C GLU B 32 15.53 -35.60 27.21
N GLU B 33 14.45 -34.92 27.54
CA GLU B 33 13.82 -35.05 28.83
C GLU B 33 12.42 -35.56 28.56
N PHE B 34 12.22 -36.84 28.80
CA PHE B 34 10.98 -37.51 28.44
C PHE B 34 9.80 -37.30 29.42
N LEU B 35 8.65 -37.01 28.83
CA LEU B 35 7.38 -36.98 29.55
C LEU B 35 6.78 -38.38 29.63
N GLU B 36 6.68 -38.94 30.84
CA GLU B 36 6.06 -40.24 31.06
C GLU B 36 4.68 -40.13 31.70
N THR B 37 4.42 -39.03 32.42
CA THR B 37 3.17 -38.92 33.17
C THR B 37 2.44 -37.62 32.93
N LYS B 38 1.14 -37.66 33.23
CA LYS B 38 0.28 -36.48 33.15
C LYS B 38 0.78 -35.41 34.09
N GLU B 39 1.26 -35.80 35.27
CA GLU B 39 1.82 -34.85 36.26
C GLU B 39 3.10 -34.13 35.78
N GLN B 40 3.97 -34.83 35.05
CA GLN B 40 5.15 -34.20 34.46
C GLN B 40 4.76 -33.13 33.44
N LEU B 41 3.71 -33.39 32.67
CA LEU B 41 3.23 -32.38 31.71
C LEU B 41 2.74 -31.15 32.46
N TYR B 42 1.92 -31.37 33.48
CA TYR B 42 1.41 -30.27 34.29
C TYR B 42 2.53 -29.43 34.88
N LYS B 43 3.58 -30.08 35.34
CA LYS B 43 4.73 -29.38 35.93
C LYS B 43 5.38 -28.49 34.90
N LEU B 44 5.53 -29.01 33.69
CA LEU B 44 6.15 -28.25 32.62
C LEU B 44 5.28 -27.04 32.23
N GLN B 45 3.95 -27.23 32.27
CA GLN B 45 2.94 -26.16 32.03
C GLN B 45 2.81 -25.17 33.18
N ASP B 46 3.01 -25.67 34.39
CA ASP B 46 2.91 -24.85 35.59
C ASP B 46 3.98 -23.78 35.65
N GLY B 47 5.16 -24.05 35.08
CA GLY B 47 6.33 -23.17 35.25
C GLY B 47 6.68 -22.20 34.14
N ASN B 48 5.73 -21.92 33.24
CA ASN B 48 5.96 -21.00 32.12
C ASN B 48 7.01 -21.42 31.07
N HIS B 49 7.30 -22.72 30.99
CA HIS B 49 8.29 -23.25 30.05
C HIS B 49 7.71 -23.54 28.65
N LEU B 50 6.38 -23.59 28.54
CA LEU B 50 5.71 -23.92 27.27
C LEU B 50 4.83 -22.75 26.79
N LEU B 51 5.26 -22.09 25.73
CA LEU B 51 4.67 -20.84 25.29
C LEU B 51 3.15 -20.96 25.20
N PHE B 52 2.67 -22.01 24.52
CA PHE B 52 1.23 -22.28 24.32
C PHE B 52 0.76 -23.58 25.00
N GLN B 53 1.49 -23.99 26.05
CA GLN B 53 1.10 -25.11 26.91
C GLN B 53 1.22 -26.46 26.24
N GLN B 54 1.94 -26.51 25.13
CA GLN B 54 2.09 -27.72 24.35
C GLN B 54 3.55 -28.07 24.12
N VAL B 55 3.77 -29.36 23.89
CA VAL B 55 5.00 -29.83 23.29
C VAL B 55 4.70 -30.25 21.84
N PRO B 56 5.73 -30.40 20.99
CA PRO B 56 7.19 -30.27 21.19
C PRO B 56 7.67 -28.98 21.76
N MET B 57 8.68 -29.06 22.63
CA MET B 57 9.42 -27.89 23.02
C MET B 57 10.90 -28.28 23.08
N VAL B 58 11.72 -27.37 22.60
CA VAL B 58 13.15 -27.55 22.56
C VAL B 58 13.83 -26.35 23.22
N GLU B 59 14.67 -26.64 24.22
CA GLU B 59 15.57 -25.63 24.80
C GLU B 59 16.79 -25.59 23.92
N ILE B 60 17.02 -24.46 23.28
CA ILE B 60 18.12 -24.31 22.35
C ILE B 60 18.60 -22.87 22.36
N ASP B 61 19.91 -22.71 22.46
CA ASP B 61 20.56 -21.41 22.41
C ASP B 61 19.95 -20.44 23.41
N GLY B 62 19.61 -20.93 24.59
CA GLY B 62 19.05 -20.08 25.66
C GLY B 62 17.57 -19.73 25.50
N MET B 63 16.90 -20.35 24.54
CA MET B 63 15.48 -20.10 24.25
C MET B 63 14.71 -21.40 24.39
N LYS B 64 13.38 -21.28 24.57
CA LYS B 64 12.50 -22.41 24.76
C LYS B 64 11.50 -22.42 23.60
N LEU B 65 11.87 -23.08 22.51
CA LEU B 65 11.12 -22.94 21.27
C LEU B 65 10.00 -23.98 21.23
N VAL B 66 8.87 -23.59 20.67
CA VAL B 66 7.72 -24.46 20.53
C VAL B 66 7.23 -24.31 19.10
N GLN B 67 6.27 -25.16 18.74
CA GLN B 67 5.67 -25.23 17.40
C GLN B 67 6.66 -25.91 16.46
N THR B 68 6.28 -27.12 16.03
CA THR B 68 7.17 -28.00 15.27
C THR B 68 7.82 -27.29 14.08
N ARG B 69 6.99 -26.62 13.28
CA ARG B 69 7.47 -25.94 12.07
C ARG B 69 8.44 -24.80 12.39
N SER B 70 8.14 -24.02 13.44
CA SER B 70 9.03 -22.90 13.86
C SER B 70 10.39 -23.45 14.34
N ILE B 71 10.33 -24.58 15.05
CA ILE B 71 11.51 -25.22 15.56
C ILE B 71 12.40 -25.63 14.40
N LEU B 72 11.77 -26.28 13.42
CA LEU B 72 12.46 -26.73 12.24
C LEU B 72 13.04 -25.55 11.47
N HIS B 73 12.31 -24.46 11.33
CA HIS B 73 12.78 -23.29 10.58
C HIS B 73 14.00 -22.71 11.27
N TYR B 74 13.94 -22.61 12.58
CA TYR B 74 15.09 -22.06 13.34
C TYR B 74 16.37 -22.90 13.15
N ILE B 75 16.24 -24.20 13.31
CA ILE B 75 17.39 -25.07 13.21
C ILE B 75 17.98 -25.01 11.80
N ALA B 76 17.12 -25.10 10.80
CA ALA B 76 17.52 -25.05 9.41
C ALA B 76 18.29 -23.79 9.09
N ASP B 77 17.80 -22.66 9.58
CA ASP B 77 18.48 -21.39 9.37
C ASP B 77 19.84 -21.33 10.11
N LYS B 78 20.00 -22.06 11.21
CA LYS B 78 21.27 -22.03 11.94
C LYS B 78 22.33 -22.93 11.30
N HIS B 79 21.90 -23.85 10.44
CA HIS B 79 22.77 -24.88 9.90
C HIS B 79 22.66 -25.03 8.39
N ASN B 80 22.44 -23.92 7.70
CA ASN B 80 22.45 -23.89 6.24
C ASN B 80 21.55 -24.97 5.57
N LEU B 81 20.39 -25.21 6.15
CA LEU B 81 19.44 -26.16 5.54
C LEU B 81 18.21 -25.48 4.97
N PHE B 82 18.27 -24.16 4.75
CA PHE B 82 17.11 -23.41 4.22
C PHE B 82 17.48 -22.65 2.94
N GLY B 83 18.43 -23.18 2.18
CA GLY B 83 18.82 -22.56 0.88
C GLY B 83 19.66 -21.29 0.99
N LYS B 84 19.97 -20.65 -0.15
CA LYS B 84 20.88 -19.49 -0.18
C LYS B 84 20.19 -18.16 -0.50
N ASN B 85 18.90 -18.23 -0.82
CA ASN B 85 18.15 -17.03 -1.19
C ASN B 85 16.66 -17.28 -1.06
N LEU B 86 15.89 -16.22 -1.23
CA LEU B 86 14.45 -16.30 -1.10
C LEU B 86 13.81 -17.32 -2.05
N LYS B 87 14.29 -17.41 -3.28
CA LYS B 87 13.70 -18.31 -4.28
C LYS B 87 13.79 -19.76 -3.78
N GLU B 88 14.98 -20.16 -3.32
CA GLU B 88 15.22 -21.50 -2.78
C GLU B 88 14.48 -21.77 -1.47
N ARG B 89 14.49 -20.79 -0.57
CA ARG B 89 13.78 -20.85 0.70
C ARG B 89 12.28 -21.13 0.51
N THR B 90 11.66 -20.37 -0.39
CA THR B 90 10.25 -20.54 -0.73
C THR B 90 9.97 -21.97 -1.18
N LEU B 91 10.78 -22.50 -2.10
CA LEU B 91 10.62 -23.90 -2.56
C LEU B 91 10.74 -24.90 -1.44
N ILE B 92 11.82 -24.81 -0.65
CA ILE B 92 12.03 -25.65 0.51
C ILE B 92 10.83 -25.63 1.48
N ASP B 93 10.32 -24.42 1.75
CA ASP B 93 9.19 -24.18 2.65
C ASP B 93 7.92 -24.89 2.15
N MET B 94 7.59 -24.66 0.89
CA MET B 94 6.41 -25.32 0.30
C MET B 94 6.55 -26.85 0.33
N TYR B 95 7.72 -27.35 -0.07
CA TYR B 95 7.93 -28.80 -0.05
C TYR B 95 7.79 -29.39 1.34
N VAL B 96 8.38 -28.73 2.33
CA VAL B 96 8.28 -29.18 3.70
C VAL B 96 6.82 -29.15 4.18
N GLU B 97 6.12 -28.07 3.91
CA GLU B 97 4.75 -27.95 4.39
C GLU B 97 3.87 -29.03 3.74
N GLY B 98 4.04 -29.25 2.44
CA GLY B 98 3.35 -30.36 1.76
C GLY B 98 3.65 -31.72 2.39
N THR B 99 4.93 -31.98 2.63
CA THR B 99 5.38 -33.26 3.13
C THR B 99 4.89 -33.49 4.55
N LEU B 100 4.79 -32.41 5.34
CA LEU B 100 4.22 -32.51 6.67
C LEU B 100 2.73 -32.85 6.64
N ASP B 101 2.02 -32.45 5.59
CA ASP B 101 0.60 -32.88 5.46
C ASP B 101 0.53 -34.40 5.23
N LEU B 102 1.53 -35.00 4.59
CA LEU B 102 1.55 -36.45 4.42
C LEU B 102 1.97 -37.12 5.72
N LEU B 103 3.06 -36.61 6.32
CA LEU B 103 3.54 -37.15 7.58
C LEU B 103 2.45 -37.11 8.65
N GLU B 104 1.56 -36.12 8.60
CA GLU B 104 0.47 -36.03 9.55
C GLU B 104 -0.35 -37.33 9.66
N LEU B 105 -0.47 -38.06 8.54
CA LEU B 105 -1.28 -39.26 8.53
C LEU B 105 -0.60 -40.34 9.35
N LEU B 106 0.73 -40.37 9.32
CA LEU B 106 1.52 -41.27 10.12
C LEU B 106 1.50 -40.83 11.61
N ILE B 107 1.52 -39.53 11.86
CA ILE B 107 1.47 -39.05 13.25
C ILE B 107 0.14 -39.38 13.94
N MET B 108 -0.97 -39.33 13.21
CA MET B 108 -2.28 -39.62 13.84
C MET B 108 -2.65 -41.10 13.82
N HIS B 109 -2.07 -41.86 12.89
CA HIS B 109 -2.31 -43.31 12.77
C HIS B 109 -2.45 -44.08 14.09
N PRO B 110 -1.46 -43.98 15.01
CA PRO B 110 -1.50 -44.77 16.24
C PRO B 110 -2.75 -44.58 17.08
N PHE B 111 -3.47 -43.48 16.88
CA PHE B 111 -4.59 -43.10 17.73
C PHE B 111 -5.95 -43.27 17.07
N LEU B 112 -5.98 -43.91 15.90
CA LEU B 112 -7.23 -44.19 15.24
C LEU B 112 -7.64 -45.59 15.65
N LYS B 113 -8.96 -45.79 15.74
CA LYS B 113 -9.52 -47.14 15.85
C LYS B 113 -8.95 -48.05 14.79
N PRO B 114 -8.82 -49.36 15.09
CA PRO B 114 -8.20 -50.32 14.16
C PRO B 114 -8.81 -50.35 12.75
N ASP B 115 -10.13 -50.27 12.67
CA ASP B 115 -10.83 -50.23 11.39
C ASP B 115 -10.29 -49.02 10.59
N ASP B 116 -10.32 -47.86 11.24
CA ASP B 116 -9.84 -46.64 10.62
C ASP B 116 -8.34 -46.63 10.36
N GLN B 117 -7.55 -47.31 11.18
CA GLN B 117 -6.10 -47.43 10.92
C GLN B 117 -5.80 -48.05 9.55
N GLN B 118 -6.53 -49.11 9.21
CA GLN B 118 -6.37 -49.79 7.92
C GLN B 118 -6.77 -48.88 6.76
N LYS B 119 -7.92 -48.23 6.89
CA LYS B 119 -8.35 -47.19 5.95
C LYS B 119 -7.27 -46.12 5.74
N GLU B 120 -6.58 -45.75 6.81
CA GLU B 120 -5.60 -44.65 6.76
C GLU B 120 -4.31 -45.07 6.05
N VAL B 121 -3.93 -46.34 6.17
CA VAL B 121 -2.79 -46.84 5.40
C VAL B 121 -3.10 -46.78 3.88
N VAL B 122 -4.36 -47.05 3.49
CA VAL B 122 -4.77 -46.95 2.08
C VAL B 122 -4.72 -45.49 1.64
N ASN B 123 -5.34 -44.62 2.42
CA ASN B 123 -5.26 -43.19 2.18
C ASN B 123 -3.80 -42.72 2.07
N MET B 124 -2.91 -43.18 2.94
CA MET B 124 -1.45 -42.85 2.86
C MET B 124 -0.84 -43.24 1.53
N ALA B 125 -1.11 -44.47 1.13
CA ALA B 125 -0.62 -44.99 -0.14
C ALA B 125 -1.10 -44.13 -1.30
N GLN B 126 -2.40 -43.82 -1.35
CA GLN B 126 -2.95 -43.00 -2.45
C GLN B 126 -2.27 -41.63 -2.51
N LYS B 127 -2.18 -40.97 -1.35
CA LYS B 127 -1.60 -39.62 -1.29
C LYS B 127 -0.14 -39.64 -1.70
N ALA B 128 0.63 -40.56 -1.16
CA ALA B 128 2.05 -40.65 -1.50
C ALA B 128 2.21 -40.88 -2.99
N ILE B 129 1.43 -41.80 -3.54
CA ILE B 129 1.65 -42.24 -4.91
C ILE B 129 1.11 -41.24 -5.94
N ILE B 130 0.00 -40.57 -5.61
CA ILE B 130 -0.67 -39.70 -6.58
C ILE B 130 -0.42 -38.21 -6.37
N ARG B 131 -0.34 -37.77 -5.11
CA ARG B 131 -0.26 -36.36 -4.79
C ARG B 131 1.17 -35.86 -4.55
N TYR B 132 2.01 -36.63 -3.86
CA TYR B 132 3.31 -36.09 -3.39
C TYR B 132 4.51 -36.61 -4.16
N PHE B 133 4.62 -37.92 -4.24
CA PHE B 133 5.79 -38.53 -4.84
C PHE B 133 6.05 -38.12 -6.30
N PRO B 134 5.00 -38.01 -7.14
CA PRO B 134 5.26 -37.63 -8.52
C PRO B 134 5.91 -36.24 -8.64
N VAL B 135 5.61 -35.35 -7.71
CA VAL B 135 6.14 -33.99 -7.71
C VAL B 135 7.65 -34.06 -7.52
N PHE B 136 8.06 -34.74 -6.46
CA PHE B 136 9.49 -34.89 -6.08
C PHE B 136 10.25 -35.79 -7.05
N GLU B 137 9.56 -36.80 -7.57
CA GLU B 137 10.13 -37.66 -8.60
C GLU B 137 10.46 -36.84 -9.85
N LYS B 138 9.50 -36.02 -10.28
CA LYS B 138 9.70 -35.16 -11.47
C LYS B 138 10.83 -34.15 -11.23
N ILE B 139 10.85 -33.54 -10.05
CA ILE B 139 11.92 -32.59 -9.73
C ILE B 139 13.26 -33.27 -9.89
N LEU B 140 13.38 -34.48 -9.34
CA LEU B 140 14.66 -35.18 -9.31
C LEU B 140 15.04 -35.73 -10.68
N ARG B 141 14.05 -36.14 -11.46
CA ARG B 141 14.28 -36.63 -12.81
C ARG B 141 14.69 -35.46 -13.72
N GLY B 142 14.07 -34.30 -13.51
CA GLY B 142 14.29 -33.13 -14.36
C GLY B 142 15.66 -32.50 -14.21
N HIS B 143 16.04 -32.13 -12.99
CA HIS B 143 17.36 -31.52 -12.79
C HIS B 143 18.46 -32.53 -12.44
N GLY B 144 18.08 -33.78 -12.19
CA GLY B 144 19.06 -34.85 -12.02
C GLY B 144 19.82 -34.92 -10.70
N GLN B 145 19.72 -33.87 -9.88
CA GLN B 145 20.59 -33.74 -8.70
C GLN B 145 20.14 -34.62 -7.55
N SER B 146 20.97 -34.71 -6.50
CA SER B 146 20.65 -35.58 -5.34
C SER B 146 19.89 -34.82 -4.24
N PHE B 147 19.60 -33.55 -4.50
CA PHE B 147 18.84 -32.73 -3.57
C PHE B 147 17.70 -32.03 -4.30
N LEU B 148 16.60 -31.81 -3.59
CA LEU B 148 15.42 -31.19 -4.20
C LEU B 148 15.68 -29.75 -4.62
N VAL B 149 16.44 -29.02 -3.81
CA VAL B 149 16.65 -27.60 -4.04
C VAL B 149 18.11 -27.17 -3.85
N GLY B 150 18.63 -26.42 -4.83
CA GLY B 150 19.92 -25.76 -4.74
C GLY B 150 21.14 -26.66 -4.68
N ASN B 151 20.97 -27.95 -5.00
CA ASN B 151 22.05 -28.93 -4.97
C ASN B 151 22.87 -28.94 -3.67
N GLN B 152 22.16 -28.77 -2.55
CA GLN B 152 22.71 -29.01 -1.24
C GLN B 152 21.57 -29.48 -0.33
N LEU B 153 21.93 -30.24 0.68
CA LEU B 153 20.98 -30.78 1.65
C LEU B 153 20.16 -29.65 2.25
N SER B 154 18.85 -29.82 2.24
CA SER B 154 17.94 -28.82 2.81
C SER B 154 16.95 -29.49 3.73
N LEU B 155 16.16 -28.67 4.43
CA LEU B 155 15.16 -29.18 5.29
C LEU B 155 14.14 -30.04 4.50
N ALA B 156 13.96 -29.74 3.24
CA ALA B 156 12.95 -30.48 2.44
C ALA B 156 13.42 -31.91 2.21
N ASP B 157 14.74 -32.10 2.00
CA ASP B 157 15.31 -33.42 1.80
C ASP B 157 15.13 -34.25 3.08
N VAL B 158 15.45 -33.64 4.23
CA VAL B 158 15.41 -34.36 5.52
C VAL B 158 14.01 -34.83 5.88
N ILE B 159 13.03 -33.92 5.78
CA ILE B 159 11.65 -34.26 6.07
C ILE B 159 11.11 -35.28 5.05
N LEU B 160 11.47 -35.14 3.79
CA LEU B 160 10.99 -36.09 2.78
C LEU B 160 11.55 -37.50 3.06
N LEU B 161 12.83 -37.59 3.40
CA LEU B 161 13.45 -38.85 3.77
C LEU B 161 12.77 -39.50 4.97
N GLN B 162 12.51 -38.73 6.03
CA GLN B 162 11.83 -39.24 7.21
C GLN B 162 10.49 -39.83 6.79
N THR B 163 9.79 -39.08 5.98
CA THR B 163 8.41 -39.42 5.65
C THR B 163 8.35 -40.66 4.76
N ILE B 164 9.17 -40.70 3.72
CA ILE B 164 9.35 -41.90 2.89
C ILE B 164 9.70 -43.12 3.71
N LEU B 165 10.72 -43.01 4.57
CA LEU B 165 11.17 -44.17 5.35
C LEU B 165 10.07 -44.62 6.31
N ALA B 166 9.36 -43.67 6.92
CA ALA B 166 8.24 -44.00 7.79
C ALA B 166 7.14 -44.70 6.98
N LEU B 167 6.82 -44.18 5.80
CA LEU B 167 5.81 -44.81 4.93
C LEU B 167 6.18 -46.25 4.53
N GLU B 168 7.45 -46.47 4.19
CA GLU B 168 7.92 -47.80 3.78
C GLU B 168 7.76 -48.87 4.88
N GLU B 169 7.81 -48.47 6.14
CA GLU B 169 7.50 -49.38 7.24
C GLU B 169 6.06 -49.93 7.15
N LYS B 170 5.12 -49.12 6.67
CA LYS B 170 3.72 -49.55 6.54
C LYS B 170 3.45 -50.15 5.19
N ILE B 171 4.14 -49.66 4.17
CA ILE B 171 3.91 -50.14 2.81
C ILE B 171 5.26 -50.34 2.14
N PRO B 172 5.87 -51.52 2.35
CA PRO B 172 7.26 -51.78 1.94
C PRO B 172 7.59 -51.47 0.48
N ASN B 173 6.63 -51.62 -0.42
CA ASN B 173 6.91 -51.44 -1.83
C ASN B 173 6.45 -50.07 -2.37
N ILE B 174 6.23 -49.11 -1.48
CA ILE B 174 5.65 -47.84 -1.90
C ILE B 174 6.47 -47.04 -2.93
N LEU B 175 7.80 -47.18 -2.92
CA LEU B 175 8.67 -46.49 -3.89
C LEU B 175 8.87 -47.22 -5.23
N SER B 176 8.24 -48.39 -5.42
CA SER B 176 8.49 -49.22 -6.62
C SER B 176 8.27 -48.47 -7.95
N ALA B 177 7.24 -47.63 -8.04
CA ALA B 177 7.00 -46.78 -9.23
C ALA B 177 7.85 -45.48 -9.25
N PHE B 178 8.81 -45.34 -8.33
CA PHE B 178 9.56 -44.10 -8.19
C PHE B 178 11.06 -44.35 -8.05
N PRO B 179 11.70 -44.77 -9.16
CA PRO B 179 13.13 -45.13 -9.14
C PRO B 179 14.06 -43.97 -8.82
N PHE B 180 13.70 -42.76 -9.20
CA PHE B 180 14.54 -41.62 -8.86
C PHE B 180 14.49 -41.36 -7.36
N LEU B 181 13.30 -41.49 -6.77
CA LEU B 181 13.17 -41.39 -5.32
C LEU B 181 13.86 -42.55 -4.60
N GLN B 182 13.79 -43.77 -5.14
CA GLN B 182 14.55 -44.88 -4.57
C GLN B 182 16.01 -44.48 -4.44
N GLU B 183 16.58 -44.02 -5.56
CA GLU B 183 18.01 -43.72 -5.60
C GLU B 183 18.36 -42.50 -4.75
N TYR B 184 17.44 -41.56 -4.70
CA TYR B 184 17.57 -40.39 -3.84
C TYR B 184 17.66 -40.82 -2.39
N THR B 185 16.78 -41.71 -1.99
CA THR B 185 16.71 -42.18 -0.62
C THR B 185 18.01 -42.87 -0.18
N VAL B 186 18.56 -43.68 -1.08
CA VAL B 186 19.81 -44.36 -0.83
C VAL B 186 20.96 -43.37 -0.64
N LYS B 187 21.12 -42.43 -1.57
CA LYS B 187 22.23 -41.47 -1.44
C LYS B 187 22.10 -40.65 -0.18
N LEU B 188 20.90 -40.12 0.06
CA LEU B 188 20.66 -39.34 1.28
C LEU B 188 21.00 -40.16 2.51
N SER B 189 20.65 -41.44 2.47
CA SER B 189 20.87 -42.35 3.61
C SER B 189 22.34 -42.65 3.90
N ASN B 190 23.21 -42.26 2.98
CA ASN B 190 24.66 -42.50 3.11
C ASN B 190 25.44 -41.27 3.55
N ILE B 191 24.76 -40.14 3.64
CA ILE B 191 25.40 -38.96 4.19
C ILE B 191 25.80 -39.28 5.65
N PRO B 192 27.09 -39.11 5.98
CA PRO B 192 27.60 -39.63 7.27
C PRO B 192 26.67 -39.41 8.48
N THR B 193 26.13 -38.22 8.63
CA THR B 193 25.25 -37.93 9.78
C THR B 193 23.97 -38.73 9.71
N ILE B 194 23.35 -38.75 8.54
CA ILE B 194 22.12 -39.53 8.37
C ILE B 194 22.38 -41.01 8.58
N LYS B 195 23.49 -41.51 8.03
CA LYS B 195 23.82 -42.91 8.12
C LYS B 195 23.93 -43.32 9.58
N ARG B 196 24.58 -42.47 10.38
CA ARG B 196 24.73 -42.75 11.82
C ARG B 196 23.39 -42.67 12.56
N PHE B 197 22.60 -41.65 12.25
CA PHE B 197 21.26 -41.55 12.84
C PHE B 197 20.45 -42.82 12.59
N LEU B 198 20.63 -43.43 11.42
CA LEU B 198 19.87 -44.65 11.06
C LEU B 198 20.41 -45.93 11.70
N GLU B 199 21.63 -45.88 12.24
CA GLU B 199 22.22 -47.06 12.85
C GLU B 199 21.73 -47.22 14.28
N PRO B 200 21.79 -48.44 14.82
CA PRO B 200 21.43 -48.64 16.24
C PRO B 200 22.16 -47.67 17.17
N GLY B 201 21.50 -47.23 18.24
CA GLY B 201 22.12 -46.38 19.27
C GLY B 201 21.96 -44.87 19.13
N SER B 202 21.49 -44.40 17.98
CA SER B 202 21.15 -42.97 17.82
C SER B 202 19.90 -42.66 18.64
N LYS B 203 19.44 -41.41 18.61
CA LYS B 203 18.19 -41.06 19.28
C LYS B 203 16.97 -41.18 18.34
N LYS B 204 17.15 -41.82 17.19
CA LYS B 204 16.02 -42.12 16.33
C LYS B 204 15.04 -43.02 17.07
N LYS B 205 13.75 -42.70 16.98
CA LYS B 205 12.75 -43.44 17.72
C LYS B 205 12.11 -44.49 16.85
N PRO B 206 11.71 -45.60 17.47
CA PRO B 206 11.16 -46.69 16.72
C PRO B 206 9.71 -46.44 16.36
N PRO B 207 9.14 -47.30 15.51
CA PRO B 207 7.70 -47.20 15.28
C PRO B 207 6.94 -47.42 16.58
N PRO B 208 5.85 -46.69 16.80
CA PRO B 208 5.27 -46.60 18.12
C PRO B 208 4.64 -47.89 18.59
N ASP B 209 5.03 -48.34 19.78
CA ASP B 209 4.49 -49.56 20.38
C ASP B 209 3.38 -49.25 21.38
N GLU B 210 2.78 -50.30 21.93
CA GLU B 210 1.61 -50.17 22.81
C GLU B 210 1.89 -49.33 24.04
N ILE B 211 3.13 -49.35 24.53
CA ILE B 211 3.53 -48.53 25.68
C ILE B 211 3.53 -47.02 25.36
N TYR B 212 3.98 -46.64 24.16
CA TYR B 212 3.94 -45.21 23.77
C TYR B 212 2.49 -44.76 23.60
N VAL B 213 1.66 -45.59 22.98
CA VAL B 213 0.26 -45.24 22.77
C VAL B 213 -0.48 -45.05 24.11
N ARG B 214 -0.30 -45.97 25.05
CA ARG B 214 -0.91 -45.83 26.36
C ARG B 214 -0.38 -44.61 27.09
N THR B 215 0.91 -44.36 26.99
CA THR B 215 1.52 -43.20 27.61
C THR B 215 0.93 -41.90 27.10
N VAL B 216 0.79 -41.73 25.77
CA VAL B 216 0.30 -40.47 25.27
C VAL B 216 -1.16 -40.29 25.70
N TYR B 217 -1.96 -41.37 25.65
CA TYR B 217 -3.31 -41.33 26.21
C TYR B 217 -3.31 -40.91 27.67
N ASN B 218 -2.42 -41.49 28.46
CA ASN B 218 -2.27 -41.11 29.87
C ASN B 218 -1.87 -39.63 30.06
N ILE B 219 -1.04 -39.09 29.16
CA ILE B 219 -0.50 -37.74 29.32
C ILE B 219 -1.45 -36.69 28.74
N PHE B 220 -1.93 -36.91 27.53
CA PHE B 220 -2.73 -35.90 26.81
C PHE B 220 -4.25 -36.14 26.80
N ARG B 221 -4.69 -37.34 27.18
CA ARG B 221 -6.10 -37.73 27.13
C ARG B 221 -6.83 -37.20 25.90
N ALA C 3 21.45 39.56 -0.74
CA ALA C 3 20.33 38.75 -0.23
C ALA C 3 19.13 39.64 0.04
N ARG C 4 18.18 39.66 -0.89
CA ARG C 4 16.93 40.45 -0.80
C ARG C 4 16.04 40.22 -2.05
N PRO C 5 14.76 39.89 -1.87
CA PRO C 5 13.97 39.45 -3.05
C PRO C 5 13.91 40.39 -4.27
N LYS C 6 14.15 39.81 -5.44
CA LYS C 6 14.09 40.54 -6.70
C LYS C 6 13.08 39.90 -7.68
N LEU C 7 12.08 40.67 -8.09
CA LEU C 7 10.99 40.15 -8.96
C LEU C 7 11.26 40.38 -10.45
N HIS C 8 11.28 39.29 -11.22
CA HIS C 8 11.48 39.41 -12.66
C HIS C 8 10.15 39.27 -13.36
N TYR C 9 9.69 40.36 -13.95
CA TYR C 9 8.38 40.42 -14.59
C TYR C 9 8.25 41.68 -15.46
N PRO C 10 7.32 41.67 -16.44
CA PRO C 10 6.97 42.95 -17.05
C PRO C 10 6.47 43.93 -16.03
N ASN C 11 6.39 45.18 -16.42
CA ASN C 11 6.01 46.24 -15.51
C ASN C 11 4.49 46.36 -15.49
N GLY C 12 3.88 45.51 -14.67
CA GLY C 12 2.42 45.41 -14.58
C GLY C 12 2.01 44.26 -13.67
N ARG C 13 0.70 44.05 -13.54
CA ARG C 13 0.14 43.04 -12.65
C ARG C 13 0.41 41.61 -13.09
N GLY C 14 -0.33 41.16 -14.12
CA GLY C 14 -0.34 39.76 -14.54
C GLY C 14 -0.43 38.79 -13.37
N ARG C 15 0.44 37.79 -13.38
CA ARG C 15 0.46 36.74 -12.38
C ARG C 15 1.33 37.12 -11.16
N MET C 16 2.29 38.02 -11.40
CA MET C 16 3.25 38.49 -10.37
C MET C 16 2.62 39.35 -9.27
N GLU C 17 1.50 40.02 -9.58
CA GLU C 17 0.86 40.87 -8.60
C GLU C 17 0.54 40.12 -7.30
N SER C 18 0.21 38.83 -7.37
CA SER C 18 -0.07 38.07 -6.15
C SER C 18 1.17 37.95 -5.24
N VAL C 19 2.34 37.82 -5.85
CA VAL C 19 3.62 37.77 -5.13
C VAL C 19 3.94 39.13 -4.49
N ARG C 20 3.61 40.22 -5.19
CA ARG C 20 3.83 41.57 -4.67
C ARG C 20 2.95 41.82 -3.43
N TRP C 21 1.69 41.43 -3.52
CA TRP C 21 0.75 41.52 -2.41
C TRP C 21 1.20 40.71 -1.20
N VAL C 22 1.71 39.52 -1.43
CA VAL C 22 2.05 38.64 -0.32
C VAL C 22 3.35 39.10 0.33
N LEU C 23 4.34 39.47 -0.46
CA LEU C 23 5.57 40.05 0.11
C LEU C 23 5.29 41.32 0.90
N ALA C 24 4.55 42.26 0.32
CA ALA C 24 4.22 43.49 1.01
C ALA C 24 3.45 43.20 2.29
N ALA C 25 2.42 42.35 2.18
CA ALA C 25 1.62 41.99 3.35
C ALA C 25 2.52 41.50 4.47
N ALA C 26 3.58 40.77 4.12
CA ALA C 26 4.50 40.23 5.12
C ALA C 26 5.55 41.26 5.55
N GLY C 27 5.53 42.43 4.93
CA GLY C 27 6.40 43.52 5.30
C GLY C 27 7.79 43.36 4.72
N VAL C 28 7.92 42.57 3.66
CA VAL C 28 9.21 42.33 3.03
C VAL C 28 9.38 43.27 1.84
N GLU C 29 10.35 44.16 1.93
CA GLU C 29 10.70 45.04 0.81
C GLU C 29 11.43 44.22 -0.24
N PHE C 30 11.26 44.60 -1.50
CA PHE C 30 11.83 43.82 -2.61
C PHE C 30 12.19 44.72 -3.77
N ASP C 31 13.04 44.21 -4.65
CA ASP C 31 13.37 44.91 -5.89
C ASP C 31 12.61 44.29 -7.07
N GLU C 32 12.59 45.04 -8.17
CA GLU C 32 12.01 44.57 -9.43
C GLU C 32 12.97 44.80 -10.59
N GLU C 33 13.05 43.84 -11.50
CA GLU C 33 13.74 44.04 -12.78
C GLU C 33 12.72 43.82 -13.90
N PHE C 34 12.28 44.92 -14.52
CA PHE C 34 11.22 44.88 -15.52
C PHE C 34 11.68 44.43 -16.90
N LEU C 35 10.96 43.44 -17.44
CA LEU C 35 11.05 43.06 -18.85
C LEU C 35 10.19 44.01 -19.66
N GLU C 36 10.81 44.68 -20.62
CA GLU C 36 10.08 45.58 -21.51
C GLU C 36 10.16 45.16 -22.98
N THR C 37 11.09 44.27 -23.32
CA THR C 37 11.21 43.79 -24.70
C THR C 37 11.35 42.28 -24.81
N LYS C 38 11.06 41.76 -26.00
CA LYS C 38 11.29 40.36 -26.34
C LYS C 38 12.74 39.97 -26.06
N GLU C 39 13.67 40.84 -26.42
CA GLU C 39 15.09 40.53 -26.33
C GLU C 39 15.52 40.31 -24.87
N GLN C 40 15.05 41.16 -23.96
CA GLN C 40 15.30 40.96 -22.53
C GLN C 40 14.76 39.60 -22.04
N LEU C 41 13.62 39.15 -22.58
CA LEU C 41 13.11 37.83 -22.18
C LEU C 41 14.08 36.74 -22.65
N TYR C 42 14.47 36.79 -23.91
CA TYR C 42 15.43 35.82 -24.45
C TYR C 42 16.74 35.76 -23.65
N LYS C 43 17.25 36.93 -23.25
CA LYS C 43 18.51 36.99 -22.48
C LYS C 43 18.33 36.25 -21.16
N LEU C 44 17.18 36.48 -20.53
CA LEU C 44 16.83 35.80 -19.27
C LEU C 44 16.67 34.28 -19.48
N GLN C 45 16.09 33.86 -20.60
CA GLN C 45 15.94 32.44 -20.93
C GLN C 45 17.27 31.81 -21.33
N ASP C 46 18.04 32.56 -22.11
CA ASP C 46 19.34 32.16 -22.64
C ASP C 46 20.37 31.82 -21.55
N GLY C 47 20.27 32.48 -20.40
CA GLY C 47 21.27 32.33 -19.33
C GLY C 47 20.91 31.46 -18.13
N ASN C 48 20.00 30.49 -18.33
CA ASN C 48 19.63 29.50 -17.27
C ASN C 48 18.98 30.05 -16.00
N HIS C 49 18.52 31.29 -16.05
CA HIS C 49 17.89 31.91 -14.90
C HIS C 49 16.44 31.44 -14.68
N LEU C 50 15.80 30.86 -15.71
CA LEU C 50 14.37 30.51 -15.62
C LEU C 50 14.20 29.01 -15.77
N LEU C 51 13.89 28.32 -14.68
CA LEU C 51 13.87 26.84 -14.69
C LEU C 51 13.05 26.24 -15.84
N PHE C 52 11.86 26.80 -16.11
CA PHE C 52 11.05 26.35 -17.25
C PHE C 52 10.81 27.44 -18.29
N GLN C 53 11.79 28.35 -18.43
CA GLN C 53 11.81 29.39 -19.48
C GLN C 53 10.72 30.43 -19.34
N GLN C 54 10.09 30.46 -18.17
CA GLN C 54 8.98 31.36 -17.93
C GLN C 54 9.21 32.25 -16.72
N VAL C 55 8.52 33.38 -16.73
CA VAL C 55 8.29 34.19 -15.55
C VAL C 55 6.82 34.05 -15.16
N PRO C 56 6.44 34.43 -13.93
CA PRO C 56 7.22 35.03 -12.84
C PRO C 56 8.43 34.22 -12.42
N MET C 57 9.52 34.90 -12.12
CA MET C 57 10.66 34.30 -11.45
C MET C 57 11.05 35.26 -10.33
N VAL C 58 11.39 34.71 -9.17
CA VAL C 58 11.78 35.53 -8.04
C VAL C 58 13.12 35.02 -7.49
N GLU C 59 14.10 35.93 -7.40
CA GLU C 59 15.37 35.64 -6.76
C GLU C 59 15.17 35.91 -5.27
N ILE C 60 15.21 34.86 -4.46
CA ILE C 60 14.94 34.98 -3.04
C ILE C 60 15.72 33.94 -2.29
N ASP C 61 16.36 34.37 -1.20
CA ASP C 61 17.15 33.51 -0.32
C ASP C 61 18.17 32.66 -1.06
N GLY C 62 18.75 33.25 -2.10
CA GLY C 62 19.81 32.61 -2.85
C GLY C 62 19.32 31.61 -3.88
N MET C 63 18.02 31.62 -4.17
CA MET C 63 17.44 30.69 -5.15
C MET C 63 16.72 31.48 -6.22
N LYS C 64 16.40 30.80 -7.31
CA LYS C 64 15.66 31.38 -8.40
C LYS C 64 14.32 30.64 -8.53
N LEU C 65 13.28 31.12 -7.88
CA LEU C 65 12.03 30.41 -7.82
C LEU C 65 11.10 30.79 -8.95
N VAL C 66 10.45 29.79 -9.52
CA VAL C 66 9.47 30.01 -10.57
C VAL C 66 8.15 29.32 -10.19
N GLN C 67 7.13 29.55 -11.02
CA GLN C 67 5.76 29.03 -10.80
C GLN C 67 5.08 29.81 -9.68
N THR C 68 4.05 30.59 -10.05
CA THR C 68 3.38 31.51 -9.13
C THR C 68 2.99 30.84 -7.83
N ARG C 69 2.35 29.68 -7.91
CA ARG C 69 1.89 29.01 -6.72
C ARG C 69 3.06 28.55 -5.84
N SER C 70 4.14 28.06 -6.43
CA SER C 70 5.30 27.57 -5.62
C SER C 70 5.96 28.75 -4.89
N ILE C 71 6.06 29.87 -5.59
CA ILE C 71 6.62 31.09 -5.05
C ILE C 71 5.77 31.57 -3.86
N LEU C 72 4.46 31.59 -4.06
CA LEU C 72 3.55 31.97 -3.00
C LEU C 72 3.70 31.04 -1.83
N HIS C 73 3.79 29.71 -2.09
CA HIS C 73 3.90 28.72 -1.02
C HIS C 73 5.17 28.92 -0.17
N TYR C 74 6.28 29.12 -0.89
CA TYR C 74 7.55 29.36 -0.23
C TYR C 74 7.52 30.62 0.67
N ILE C 75 7.09 31.75 0.11
CA ILE C 75 7.03 32.98 0.88
C ILE C 75 6.14 32.81 2.12
N ALA C 76 4.98 32.17 1.93
CA ALA C 76 4.06 31.90 3.03
C ALA C 76 4.69 31.02 4.10
N ASP C 77 5.49 30.05 3.68
CA ASP C 77 6.14 29.16 4.64
C ASP C 77 7.33 29.85 5.34
N LYS C 78 7.84 30.93 4.77
CA LYS C 78 8.92 31.71 5.41
C LYS C 78 8.39 32.72 6.40
N HIS C 79 7.10 33.02 6.31
CA HIS C 79 6.53 34.16 7.02
C HIS C 79 5.20 33.83 7.68
N ASN C 80 5.06 32.61 8.19
CA ASN C 80 3.92 32.22 8.97
C ASN C 80 2.57 32.62 8.32
N LEU C 81 2.47 32.49 7.01
CA LEU C 81 1.19 32.73 6.33
C LEU C 81 0.51 31.44 5.86
N PHE C 82 0.96 30.29 6.36
CA PHE C 82 0.39 29.01 5.92
C PHE C 82 -0.19 28.22 7.08
N GLY C 83 -0.72 28.91 8.09
CA GLY C 83 -1.35 28.22 9.24
C GLY C 83 -0.36 27.53 10.15
N LYS C 84 -0.87 26.85 11.19
CA LYS C 84 -0.02 26.24 12.23
C LYS C 84 -0.01 24.72 12.25
N ASN C 85 -0.78 24.09 11.36
CA ASN C 85 -0.90 22.63 11.32
C ASN C 85 -1.50 22.21 9.98
N LEU C 86 -1.51 20.93 9.69
CA LEU C 86 -1.89 20.42 8.38
C LEU C 86 -3.36 20.71 8.07
N LYS C 87 -4.24 20.55 9.06
CA LYS C 87 -5.65 20.91 8.92
C LYS C 87 -5.80 22.33 8.35
N GLU C 88 -5.03 23.26 8.90
CA GLU C 88 -5.14 24.67 8.52
C GLU C 88 -4.51 24.91 7.17
N ARG C 89 -3.33 24.34 6.98
CA ARG C 89 -2.64 24.42 5.73
C ARG C 89 -3.52 23.91 4.58
N THR C 90 -4.20 22.80 4.80
CA THR C 90 -5.07 22.22 3.74
C THR C 90 -6.16 23.20 3.32
N LEU C 91 -6.81 23.82 4.29
CA LEU C 91 -7.86 24.82 3.99
C LEU C 91 -7.31 26.03 3.25
N ILE C 92 -6.19 26.58 3.72
CA ILE C 92 -5.60 27.72 3.10
C ILE C 92 -5.23 27.41 1.62
N ASP C 93 -4.70 26.22 1.42
CA ASP C 93 -4.35 25.72 0.10
C ASP C 93 -5.57 25.68 -0.83
N MET C 94 -6.62 24.98 -0.42
CA MET C 94 -7.87 24.92 -1.25
C MET C 94 -8.44 26.31 -1.51
N TYR C 95 -8.49 27.15 -0.48
CA TYR C 95 -9.02 28.50 -0.64
C TYR C 95 -8.25 29.32 -1.66
N VAL C 96 -6.92 29.31 -1.55
CA VAL C 96 -6.08 29.99 -2.48
C VAL C 96 -6.25 29.47 -3.92
N GLU C 97 -6.25 28.16 -4.09
CA GLU C 97 -6.41 27.59 -5.41
C GLU C 97 -7.77 28.00 -6.03
N GLY C 98 -8.84 27.94 -5.27
CA GLY C 98 -10.17 28.43 -5.76
C GLY C 98 -10.12 29.89 -6.17
N THR C 99 -9.49 30.69 -5.32
CA THR C 99 -9.47 32.11 -5.52
C THR C 99 -8.66 32.43 -6.76
N LEU C 100 -7.56 31.72 -6.96
CA LEU C 100 -6.74 31.95 -8.13
C LEU C 100 -7.49 31.56 -9.42
N ASP C 101 -8.39 30.59 -9.35
CA ASP C 101 -9.24 30.29 -10.54
C ASP C 101 -10.11 31.50 -10.88
N LEU C 102 -10.60 32.21 -9.86
CA LEU C 102 -11.36 33.42 -10.11
C LEU C 102 -10.47 34.56 -10.61
N LEU C 103 -9.37 34.80 -9.90
CA LEU C 103 -8.39 35.80 -10.31
C LEU C 103 -7.93 35.54 -11.78
N GLU C 104 -7.83 34.28 -12.17
CA GLU C 104 -7.50 33.95 -13.56
C GLU C 104 -8.35 34.71 -14.58
N LEU C 105 -9.64 34.89 -14.31
CA LEU C 105 -10.50 35.55 -15.29
C LEU C 105 -10.04 37.00 -15.45
N LEU C 106 -9.58 37.61 -14.37
CA LEU C 106 -9.01 38.96 -14.42
C LEU C 106 -7.66 38.94 -15.10
N ILE C 107 -6.84 37.94 -14.83
CA ILE C 107 -5.52 37.88 -15.46
C ILE C 107 -5.66 37.74 -16.99
N MET C 108 -6.65 37.01 -17.48
CA MET C 108 -6.75 36.77 -18.93
C MET C 108 -7.60 37.82 -19.66
N HIS C 109 -8.45 38.54 -18.94
CA HIS C 109 -9.32 39.56 -19.51
C HIS C 109 -8.68 40.57 -20.51
N PRO C 110 -7.57 41.24 -20.12
CA PRO C 110 -6.90 42.21 -21.02
C PRO C 110 -6.54 41.67 -22.41
N PHE C 111 -6.43 40.36 -22.54
CA PHE C 111 -5.98 39.75 -23.79
C PHE C 111 -7.11 39.17 -24.62
N LEU C 112 -8.34 39.26 -24.15
CA LEU C 112 -9.49 38.79 -24.96
C LEU C 112 -9.84 39.82 -26.04
N LYS C 113 -10.56 39.37 -27.06
CA LYS C 113 -11.20 40.28 -28.02
C LYS C 113 -12.24 41.13 -27.30
N PRO C 114 -12.38 42.42 -27.69
CA PRO C 114 -13.31 43.35 -27.02
C PRO C 114 -14.78 42.88 -26.90
N ASP C 115 -15.26 42.13 -27.89
CA ASP C 115 -16.60 41.51 -27.83
C ASP C 115 -16.69 40.52 -26.67
N ASP C 116 -15.69 39.64 -26.61
CA ASP C 116 -15.59 38.64 -25.54
C ASP C 116 -15.29 39.24 -24.18
N GLN C 117 -14.69 40.43 -24.16
CA GLN C 117 -14.30 41.07 -22.89
C GLN C 117 -15.51 41.42 -22.02
N GLN C 118 -16.57 41.92 -22.64
CA GLN C 118 -17.80 42.26 -21.92
C GLN C 118 -18.43 41.03 -21.29
N LYS C 119 -18.56 39.99 -22.09
CA LYS C 119 -19.12 38.73 -21.63
C LYS C 119 -18.30 38.15 -20.48
N GLU C 120 -16.98 38.36 -20.53
CA GLU C 120 -16.10 37.90 -19.46
C GLU C 120 -16.33 38.67 -18.16
N VAL C 121 -16.60 39.97 -18.24
CA VAL C 121 -16.91 40.75 -17.04
C VAL C 121 -18.20 40.25 -16.39
N VAL C 122 -19.24 39.99 -17.20
CA VAL C 122 -20.46 39.37 -16.70
C VAL C 122 -20.18 37.99 -16.07
N ASN C 123 -19.39 37.16 -16.75
CA ASN C 123 -19.01 35.82 -16.24
C ASN C 123 -18.22 35.93 -14.95
N MET C 124 -17.33 36.92 -14.85
CA MET C 124 -16.60 37.22 -13.59
C MET C 124 -17.55 37.46 -12.43
N ALA C 125 -18.49 38.38 -12.69
CA ALA C 125 -19.52 38.79 -11.74
C ALA C 125 -20.34 37.60 -11.28
N GLN C 126 -20.85 36.83 -12.23
CA GLN C 126 -21.60 35.62 -11.92
C GLN C 126 -20.80 34.62 -11.10
N LYS C 127 -19.57 34.33 -11.53
CA LYS C 127 -18.75 33.37 -10.81
C LYS C 127 -18.50 33.86 -9.40
N ALA C 128 -18.09 35.11 -9.24
CA ALA C 128 -17.81 35.66 -7.93
C ALA C 128 -19.00 35.52 -7.02
N ILE C 129 -20.16 35.97 -7.49
CA ILE C 129 -21.30 36.06 -6.61
C ILE C 129 -22.03 34.75 -6.39
N ILE C 130 -21.93 33.79 -7.31
CA ILE C 130 -22.58 32.49 -7.13
C ILE C 130 -21.62 31.46 -6.51
N ARG C 131 -20.39 31.41 -7.00
CA ARG C 131 -19.49 30.30 -6.71
C ARG C 131 -18.50 30.60 -5.57
N TYR C 132 -17.95 31.82 -5.49
CA TYR C 132 -16.84 32.07 -4.53
C TYR C 132 -17.21 32.87 -3.29
N PHE C 133 -17.80 34.04 -3.47
CA PHE C 133 -18.16 34.89 -2.32
C PHE C 133 -19.08 34.25 -1.29
N PRO C 134 -20.10 33.46 -1.73
CA PRO C 134 -20.94 32.84 -0.68
C PRO C 134 -20.21 31.82 0.19
N VAL C 135 -19.19 31.14 -0.35
CA VAL C 135 -18.36 30.22 0.42
C VAL C 135 -17.56 31.00 1.50
N PHE C 136 -16.89 32.06 1.11
CA PHE C 136 -16.10 32.86 2.07
C PHE C 136 -16.98 33.65 3.05
N GLU C 137 -18.08 34.20 2.56
CA GLU C 137 -19.06 34.83 3.45
C GLU C 137 -19.51 33.84 4.54
N LYS C 138 -19.91 32.63 4.18
CA LYS C 138 -20.29 31.62 5.16
C LYS C 138 -19.17 31.29 6.16
N ILE C 139 -17.93 31.14 5.69
CA ILE C 139 -16.80 30.88 6.61
C ILE C 139 -16.68 31.97 7.66
N LEU C 140 -16.68 33.22 7.17
CA LEU C 140 -16.49 34.39 8.00
C LEU C 140 -17.68 34.60 8.95
N ARG C 141 -18.88 34.31 8.48
CA ARG C 141 -20.07 34.39 9.31
C ARG C 141 -20.09 33.30 10.38
N GLY C 142 -19.60 32.11 10.01
CA GLY C 142 -19.61 30.95 10.89
C GLY C 142 -18.70 31.06 12.11
N HIS C 143 -17.52 31.66 11.96
CA HIS C 143 -16.63 31.78 13.12
C HIS C 143 -16.50 33.22 13.65
N GLY C 144 -16.96 34.21 12.88
CA GLY C 144 -16.97 35.62 13.29
C GLY C 144 -15.61 36.27 13.49
N GLN C 145 -14.54 35.64 13.01
CA GLN C 145 -13.18 36.14 13.21
C GLN C 145 -12.74 36.97 12.01
N SER C 146 -11.58 37.62 12.14
CA SER C 146 -11.11 38.56 11.12
C SER C 146 -10.41 37.87 9.96
N PHE C 147 -10.08 36.60 10.15
CA PHE C 147 -9.27 35.84 9.22
C PHE C 147 -10.02 34.58 8.79
N LEU C 148 -9.73 34.09 7.57
CA LEU C 148 -10.46 32.91 7.03
C LEU C 148 -10.12 31.66 7.82
N VAL C 149 -8.85 31.55 8.22
CA VAL C 149 -8.34 30.36 8.88
C VAL C 149 -7.39 30.73 10.03
N GLY C 150 -7.61 30.14 11.19
CA GLY C 150 -6.63 30.15 12.28
C GLY C 150 -6.45 31.44 13.07
N ASN C 151 -7.38 32.38 12.93
CA ASN C 151 -7.25 33.70 13.56
C ASN C 151 -5.84 34.35 13.46
N GLN C 152 -5.20 34.18 12.31
CA GLN C 152 -4.07 34.99 11.92
C GLN C 152 -4.05 35.09 10.41
N LEU C 153 -3.35 36.10 9.92
CA LEU C 153 -3.24 36.32 8.49
C LEU C 153 -2.65 35.12 7.78
N SER C 154 -3.31 34.73 6.68
CA SER C 154 -2.78 33.68 5.82
C SER C 154 -2.78 34.11 4.37
N LEU C 155 -2.08 33.30 3.59
CA LEU C 155 -2.02 33.45 2.16
C LEU C 155 -3.43 33.56 1.55
N ALA C 156 -4.37 32.77 2.06
CA ALA C 156 -5.74 32.81 1.51
C ALA C 156 -6.41 34.15 1.72
N ASP C 157 -6.11 34.81 2.86
CA ASP C 157 -6.66 36.16 3.10
C ASP C 157 -6.11 37.16 2.11
N VAL C 158 -4.80 37.09 1.86
CA VAL C 158 -4.16 38.08 1.01
C VAL C 158 -4.62 37.93 -0.45
N ILE C 159 -4.68 36.71 -0.93
CA ILE C 159 -5.11 36.43 -2.30
C ILE C 159 -6.59 36.76 -2.50
N LEU C 160 -7.43 36.48 -1.50
CA LEU C 160 -8.85 36.83 -1.57
C LEU C 160 -8.98 38.35 -1.58
N LEU C 161 -8.12 39.04 -0.84
CA LEU C 161 -8.19 40.50 -0.79
C LEU C 161 -7.82 41.09 -2.13
N GLN C 162 -6.70 40.64 -2.69
CA GLN C 162 -6.28 41.05 -4.00
C GLN C 162 -7.43 40.91 -4.99
N THR C 163 -8.07 39.75 -4.97
CA THR C 163 -9.06 39.39 -5.98
C THR C 163 -10.33 40.22 -5.80
N ILE C 164 -10.79 40.36 -4.55
CA ILE C 164 -11.95 41.26 -4.29
C ILE C 164 -11.73 42.70 -4.80
N LEU C 165 -10.60 43.30 -4.43
CA LEU C 165 -10.29 44.67 -4.84
C LEU C 165 -10.13 44.83 -6.35
N ALA C 166 -9.50 43.83 -6.98
CA ALA C 166 -9.38 43.82 -8.43
C ALA C 166 -10.76 43.70 -9.08
N LEU C 167 -11.59 42.82 -8.57
CA LEU C 167 -12.99 42.73 -9.06
C LEU C 167 -13.68 44.09 -8.91
N GLU C 168 -13.53 44.72 -7.74
CA GLU C 168 -14.22 45.99 -7.47
C GLU C 168 -13.88 47.12 -8.42
N GLU C 169 -12.67 47.11 -8.98
CA GLU C 169 -12.25 48.10 -9.96
C GLU C 169 -13.13 48.04 -11.19
N LYS C 170 -13.47 46.83 -11.61
CA LYS C 170 -14.37 46.62 -12.74
C LYS C 170 -15.84 46.63 -12.35
N ILE C 171 -16.17 46.04 -11.19
CA ILE C 171 -17.56 45.94 -10.72
C ILE C 171 -17.65 46.47 -9.29
N PRO C 172 -17.74 47.80 -9.12
CA PRO C 172 -17.69 48.44 -7.80
C PRO C 172 -18.74 48.00 -6.80
N ASN C 173 -19.90 47.53 -7.24
CA ASN C 173 -20.97 47.11 -6.32
C ASN C 173 -20.93 45.60 -6.01
N ILE C 174 -19.88 44.90 -6.44
CA ILE C 174 -19.85 43.44 -6.39
C ILE C 174 -20.07 42.80 -5.00
N LEU C 175 -19.67 43.49 -3.91
CA LEU C 175 -19.85 42.94 -2.54
C LEU C 175 -21.20 43.27 -1.85
N SER C 176 -22.04 44.08 -2.48
CA SER C 176 -23.31 44.54 -1.87
C SER C 176 -23.98 43.53 -0.93
N ALA C 177 -24.35 42.35 -1.42
CA ALA C 177 -25.06 41.38 -0.57
C ALA C 177 -24.14 40.52 0.33
N PHE C 178 -22.87 40.93 0.51
CA PHE C 178 -21.89 40.16 1.28
C PHE C 178 -21.26 41.04 2.35
N PRO C 179 -22.01 41.36 3.42
CA PRO C 179 -21.53 42.29 4.44
C PRO C 179 -20.31 41.78 5.21
N PHE C 180 -20.22 40.48 5.49
CA PHE C 180 -19.06 39.97 6.24
C PHE C 180 -17.80 40.13 5.41
N LEU C 181 -17.94 39.94 4.10
CA LEU C 181 -16.83 40.21 3.22
C LEU C 181 -16.53 41.69 3.14
N GLN C 182 -17.55 42.55 3.14
CA GLN C 182 -17.28 44.00 3.08
C GLN C 182 -16.49 44.45 4.32
N GLU C 183 -16.93 43.98 5.48
CA GLU C 183 -16.28 44.32 6.76
C GLU C 183 -14.89 43.71 6.86
N TYR C 184 -14.76 42.49 6.36
CA TYR C 184 -13.49 41.78 6.30
C TYR C 184 -12.50 42.53 5.42
N THR C 185 -12.99 42.99 4.26
CA THR C 185 -12.18 43.77 3.33
C THR C 185 -11.62 45.02 4.01
N VAL C 186 -12.51 45.78 4.64
CA VAL C 186 -12.14 46.99 5.37
C VAL C 186 -11.09 46.73 6.45
N LYS C 187 -11.35 45.76 7.32
CA LYS C 187 -10.38 45.35 8.35
C LYS C 187 -9.02 44.99 7.79
N LEU C 188 -8.98 44.06 6.82
CA LEU C 188 -7.69 43.64 6.27
C LEU C 188 -6.93 44.81 5.66
N SER C 189 -7.65 45.69 4.97
CA SER C 189 -7.02 46.83 4.31
C SER C 189 -6.40 47.82 5.31
N ASN C 190 -6.74 47.67 6.58
CA ASN C 190 -6.17 48.51 7.63
C ASN C 190 -5.04 47.88 8.42
N ILE C 191 -4.64 46.65 8.10
CA ILE C 191 -3.42 46.09 8.67
C ILE C 191 -2.27 46.96 8.15
N PRO C 192 -1.37 47.43 9.05
CA PRO C 192 -0.32 48.39 8.70
C PRO C 192 0.33 48.18 7.33
N THR C 193 0.89 46.99 7.10
CA THR C 193 1.60 46.70 5.84
C THR C 193 0.70 46.76 4.62
N ILE C 194 -0.52 46.25 4.75
CA ILE C 194 -1.45 46.29 3.61
C ILE C 194 -1.92 47.72 3.32
N LYS C 195 -2.21 48.50 4.38
CA LYS C 195 -2.55 49.93 4.20
C LYS C 195 -1.47 50.69 3.41
N ARG C 196 -0.19 50.48 3.74
CA ARG C 196 0.93 51.12 3.02
C ARG C 196 0.95 50.69 1.54
N PHE C 197 0.89 49.38 1.31
CA PHE C 197 0.77 48.83 -0.05
C PHE C 197 -0.34 49.50 -0.83
N LEU C 198 -1.48 49.72 -0.19
CA LEU C 198 -2.62 50.31 -0.86
C LEU C 198 -2.42 51.81 -1.15
N GLU C 199 -1.46 52.44 -0.47
CA GLU C 199 -1.21 53.87 -0.65
C GLU C 199 -0.27 54.14 -1.82
N PRO C 200 -0.36 55.34 -2.44
CA PRO C 200 0.55 55.71 -3.54
C PRO C 200 2.02 55.56 -3.18
N GLY C 201 2.85 55.28 -4.18
CA GLY C 201 4.28 55.13 -3.96
C GLY C 201 4.73 53.73 -3.57
N SER C 202 3.79 52.82 -3.28
CA SER C 202 4.13 51.41 -3.06
C SER C 202 4.40 50.76 -4.40
N LYS C 203 4.77 49.48 -4.40
CA LYS C 203 5.04 48.78 -5.65
C LYS C 203 3.79 48.10 -6.26
N LYS C 204 2.63 48.27 -5.65
CA LYS C 204 1.39 47.80 -6.24
C LYS C 204 1.32 48.34 -7.67
N LYS C 205 0.79 47.56 -8.59
CA LYS C 205 0.74 47.97 -9.97
C LYS C 205 -0.72 48.28 -10.30
N PRO C 206 -0.92 49.23 -11.21
CA PRO C 206 -2.26 49.62 -11.62
C PRO C 206 -2.88 48.62 -12.60
N PRO C 207 -4.19 48.75 -12.88
CA PRO C 207 -4.84 47.88 -13.86
C PRO C 207 -4.14 47.95 -15.20
N PRO C 208 -4.08 46.85 -15.95
CA PRO C 208 -3.40 46.91 -17.25
C PRO C 208 -4.16 47.79 -18.26
N ASP C 209 -3.43 48.48 -19.14
CA ASP C 209 -4.04 49.30 -20.20
C ASP C 209 -3.61 48.85 -21.60
N GLU C 210 -4.17 49.47 -22.64
CA GLU C 210 -3.90 49.12 -24.04
C GLU C 210 -2.40 48.99 -24.36
N ILE C 211 -1.62 50.00 -23.98
CA ILE C 211 -0.20 50.00 -24.32
C ILE C 211 0.51 48.87 -23.59
N TYR C 212 0.21 48.70 -22.30
CA TYR C 212 0.79 47.60 -21.53
C TYR C 212 0.44 46.28 -22.24
N VAL C 213 -0.84 46.05 -22.50
CA VAL C 213 -1.26 44.85 -23.26
C VAL C 213 -0.43 44.63 -24.52
N ARG C 214 -0.32 45.67 -25.36
CA ARG C 214 0.42 45.56 -26.63
C ARG C 214 1.91 45.27 -26.38
N THR C 215 2.45 45.86 -25.31
CA THR C 215 3.83 45.62 -24.95
C THR C 215 4.06 44.17 -24.56
N VAL C 216 3.17 43.60 -23.74
CA VAL C 216 3.35 42.19 -23.36
C VAL C 216 3.16 41.23 -24.56
N TYR C 217 2.34 41.61 -25.53
CA TYR C 217 2.29 40.88 -26.81
C TYR C 217 3.64 40.85 -27.53
N ASN C 218 4.31 41.98 -27.58
CA ASN C 218 5.65 42.06 -28.18
C ASN C 218 6.68 41.19 -27.45
N ILE C 219 6.53 41.08 -26.12
CA ILE C 219 7.46 40.28 -25.31
C ILE C 219 7.15 38.76 -25.41
N PHE C 220 5.87 38.39 -25.42
CA PHE C 220 5.41 36.99 -25.58
C PHE C 220 4.58 36.80 -26.87
N ALA D 2 -13.92 7.60 7.04
CA ALA D 2 -13.52 6.40 6.25
C ALA D 2 -12.05 6.55 5.88
N ALA D 3 -11.28 5.47 6.00
CA ALA D 3 -9.89 5.49 5.59
C ALA D 3 -9.74 5.29 4.09
N ARG D 4 -10.76 4.74 3.43
CA ARG D 4 -10.73 4.57 1.97
C ARG D 4 -11.19 5.86 1.28
N PRO D 5 -10.27 6.53 0.56
CA PRO D 5 -10.71 7.74 -0.17
C PRO D 5 -11.84 7.43 -1.15
N LYS D 6 -12.76 8.38 -1.37
CA LYS D 6 -13.77 8.21 -2.41
C LYS D 6 -13.58 9.32 -3.42
N LEU D 7 -13.40 8.93 -4.68
CA LEU D 7 -13.13 9.87 -5.76
C LEU D 7 -14.41 10.14 -6.54
N HIS D 8 -14.76 11.42 -6.65
CA HIS D 8 -15.89 11.87 -7.44
C HIS D 8 -15.45 12.51 -8.74
N TYR D 9 -15.72 11.84 -9.85
CA TYR D 9 -15.25 12.26 -11.15
C TYR D 9 -15.97 11.43 -12.21
N PRO D 10 -16.03 11.90 -13.45
CA PRO D 10 -16.47 10.95 -14.47
C PRO D 10 -15.49 9.78 -14.67
N ASN D 11 -16.02 8.74 -15.29
CA ASN D 11 -15.28 7.52 -15.52
C ASN D 11 -14.26 7.74 -16.63
N GLY D 12 -13.19 8.43 -16.30
CA GLY D 12 -12.12 8.66 -17.24
C GLY D 12 -11.00 9.44 -16.58
N ARG D 13 -9.98 9.75 -17.35
CA ARG D 13 -8.76 10.35 -16.82
C ARG D 13 -8.96 11.77 -16.27
N GLY D 14 -9.14 12.72 -17.20
CA GLY D 14 -9.20 14.14 -16.90
C GLY D 14 -8.14 14.56 -15.91
N ARG D 15 -8.56 15.38 -14.95
CA ARG D 15 -7.68 15.92 -13.91
C ARG D 15 -7.56 14.98 -12.72
N MET D 16 -8.52 14.05 -12.57
CA MET D 16 -8.49 13.08 -11.44
C MET D 16 -7.38 12.03 -11.56
N GLU D 17 -6.89 11.79 -12.77
CA GLU D 17 -5.91 10.73 -12.98
C GLU D 17 -4.63 10.92 -12.16
N SER D 18 -4.18 12.17 -12.00
CA SER D 18 -3.00 12.41 -11.13
C SER D 18 -3.27 11.95 -9.72
N VAL D 19 -4.53 12.08 -9.28
CA VAL D 19 -4.89 11.65 -7.91
C VAL D 19 -4.84 10.15 -7.76
N ARG D 20 -5.38 9.46 -8.77
CA ARG D 20 -5.36 8.01 -8.84
C ARG D 20 -3.91 7.48 -8.83
N TRP D 21 -3.06 8.09 -9.66
CA TRP D 21 -1.61 7.80 -9.68
C TRP D 21 -0.92 7.95 -8.33
N VAL D 22 -1.14 9.08 -7.66
CA VAL D 22 -0.45 9.30 -6.37
C VAL D 22 -0.98 8.38 -5.27
N LEU D 23 -2.31 8.17 -5.20
CA LEU D 23 -2.85 7.20 -4.23
C LEU D 23 -2.27 5.80 -4.47
N ALA D 24 -2.29 5.33 -5.72
CA ALA D 24 -1.79 4.00 -6.05
C ALA D 24 -0.30 3.89 -5.73
N ALA D 25 0.47 4.93 -6.03
CA ALA D 25 1.92 4.92 -5.72
C ALA D 25 2.15 4.81 -4.22
N ALA D 26 1.29 5.43 -3.41
CA ALA D 26 1.46 5.38 -1.96
C ALA D 26 0.88 4.10 -1.33
N GLY D 27 0.29 3.22 -2.14
CA GLY D 27 -0.31 1.98 -1.65
C GLY D 27 -1.67 2.15 -1.00
N VAL D 28 -2.45 3.11 -1.46
CA VAL D 28 -3.71 3.44 -0.83
C VAL D 28 -4.83 2.90 -1.71
N GLU D 29 -5.61 1.95 -1.23
CA GLU D 29 -6.77 1.47 -2.02
C GLU D 29 -7.86 2.51 -1.89
N PHE D 30 -8.60 2.76 -2.95
CA PHE D 30 -9.59 3.82 -2.90
C PHE D 30 -10.81 3.39 -3.65
N ASP D 31 -11.91 4.10 -3.47
CA ASP D 31 -13.16 3.83 -4.19
C ASP D 31 -13.51 4.98 -5.10
N GLU D 32 -14.39 4.70 -6.06
CA GLU D 32 -14.76 5.71 -7.03
C GLU D 32 -16.27 5.78 -7.11
N GLU D 33 -16.83 6.98 -7.14
CA GLU D 33 -18.24 7.19 -7.45
C GLU D 33 -18.33 8.02 -8.71
N PHE D 34 -18.65 7.37 -9.82
CA PHE D 34 -18.59 8.00 -11.13
C PHE D 34 -19.74 8.95 -11.37
N LEU D 35 -19.38 10.09 -11.94
CA LEU D 35 -20.34 11.06 -12.44
C LEU D 35 -20.70 10.67 -13.86
N GLU D 36 -21.95 10.34 -14.06
CA GLU D 36 -22.44 9.91 -15.35
C GLU D 36 -23.47 10.87 -15.95
N THR D 37 -24.14 11.65 -15.11
CA THR D 37 -25.12 12.62 -15.62
C THR D 37 -25.01 14.01 -15.00
N LYS D 38 -25.64 14.98 -15.65
CA LYS D 38 -25.76 16.32 -15.09
C LYS D 38 -26.50 16.33 -13.74
N GLU D 39 -27.49 15.46 -13.59
CA GLU D 39 -28.30 15.44 -12.37
C GLU D 39 -27.49 14.92 -11.17
N GLN D 40 -26.63 13.96 -11.43
CA GLN D 40 -25.66 13.51 -10.43
C GLN D 40 -24.75 14.66 -10.00
N LEU D 41 -24.30 15.48 -10.95
CA LEU D 41 -23.45 16.63 -10.60
C LEU D 41 -24.25 17.60 -9.75
N TYR D 42 -25.45 17.93 -10.21
CA TYR D 42 -26.33 18.83 -9.47
C TYR D 42 -26.51 18.36 -8.02
N LYS D 43 -26.70 17.07 -7.81
CA LYS D 43 -26.93 16.54 -6.48
C LYS D 43 -25.73 16.79 -5.57
N LEU D 44 -24.52 16.71 -6.13
CA LEU D 44 -23.32 16.99 -5.32
C LEU D 44 -23.27 18.47 -4.97
N GLN D 45 -23.62 19.30 -5.95
CA GLN D 45 -23.59 20.77 -5.80
C GLN D 45 -24.64 21.24 -4.81
N ASP D 46 -25.89 20.84 -5.03
CA ASP D 46 -26.97 21.27 -4.16
C ASP D 46 -26.87 20.69 -2.76
N GLY D 47 -26.18 19.55 -2.64
CA GLY D 47 -25.92 18.93 -1.35
C GLY D 47 -24.76 19.55 -0.57
N ASN D 48 -24.14 20.59 -1.13
CA ASN D 48 -22.96 21.27 -0.55
C ASN D 48 -21.77 20.36 -0.32
N HIS D 49 -21.64 19.36 -1.19
CA HIS D 49 -20.49 18.48 -1.18
C HIS D 49 -19.29 19.03 -1.96
N LEU D 50 -19.49 20.03 -2.82
CA LEU D 50 -18.42 20.57 -3.65
C LEU D 50 -18.16 22.01 -3.29
N LEU D 51 -17.00 22.28 -2.68
CA LEU D 51 -16.75 23.57 -2.07
C LEU D 51 -16.92 24.71 -3.05
N PHE D 52 -16.38 24.57 -4.26
CA PHE D 52 -16.48 25.58 -5.27
C PHE D 52 -17.24 25.05 -6.49
N GLN D 53 -18.19 24.17 -6.22
CA GLN D 53 -19.13 23.65 -7.22
C GLN D 53 -18.55 22.71 -8.27
N GLN D 54 -17.27 22.35 -8.09
CA GLN D 54 -16.51 21.60 -9.08
C GLN D 54 -15.92 20.27 -8.59
N VAL D 55 -15.64 19.38 -9.55
CA VAL D 55 -14.81 18.20 -9.36
C VAL D 55 -13.48 18.44 -10.09
N PRO D 56 -12.41 17.70 -9.74
CA PRO D 56 -12.26 16.63 -8.76
C PRO D 56 -12.71 16.95 -7.33
N MET D 57 -13.38 15.97 -6.72
CA MET D 57 -13.59 16.00 -5.28
C MET D 57 -13.27 14.62 -4.71
N VAL D 58 -12.53 14.64 -3.62
CA VAL D 58 -12.12 13.44 -2.93
C VAL D 58 -12.52 13.49 -1.48
N GLU D 59 -13.30 12.49 -1.07
CA GLU D 59 -13.60 12.30 0.35
C GLU D 59 -12.43 11.51 0.90
N ILE D 60 -11.69 12.12 1.81
CA ILE D 60 -10.53 11.49 2.43
C ILE D 60 -10.37 12.01 3.86
N ASP D 61 -10.18 11.08 4.79
CA ASP D 61 -10.01 11.35 6.20
C ASP D 61 -11.09 12.31 6.74
N GLY D 62 -12.35 12.07 6.36
CA GLY D 62 -13.48 12.86 6.81
C GLY D 62 -13.60 14.26 6.25
N MET D 63 -12.85 14.57 5.18
CA MET D 63 -12.88 15.88 4.52
C MET D 63 -13.32 15.69 3.07
N LYS D 64 -13.93 16.73 2.49
CA LYS D 64 -14.28 16.73 1.08
C LYS D 64 -13.37 17.68 0.33
N LEU D 65 -12.19 17.20 -0.06
CA LEU D 65 -11.20 18.07 -0.69
C LEU D 65 -11.47 18.31 -2.16
N VAL D 66 -11.17 19.52 -2.60
CA VAL D 66 -11.30 19.93 -3.97
C VAL D 66 -10.04 20.67 -4.36
N GLN D 67 -9.93 20.93 -5.66
CA GLN D 67 -8.78 21.56 -6.31
C GLN D 67 -7.67 20.50 -6.43
N THR D 68 -7.41 20.05 -7.65
CA THR D 68 -6.48 18.99 -7.89
C THR D 68 -5.14 19.20 -7.15
N ARG D 69 -4.59 20.38 -7.25
CA ARG D 69 -3.27 20.63 -6.59
C ARG D 69 -3.34 20.47 -5.08
N SER D 70 -4.42 20.97 -4.46
CA SER D 70 -4.60 20.84 -3.02
C SER D 70 -4.75 19.38 -2.58
N ILE D 71 -5.50 18.61 -3.37
CA ILE D 71 -5.67 17.20 -3.10
C ILE D 71 -4.31 16.46 -3.14
N LEU D 72 -3.56 16.72 -4.19
CA LEU D 72 -2.22 16.17 -4.36
C LEU D 72 -1.26 16.56 -3.24
N HIS D 73 -1.31 17.81 -2.79
CA HIS D 73 -0.45 18.22 -1.67
C HIS D 73 -0.78 17.51 -0.37
N TYR D 74 -2.08 17.39 -0.07
CA TYR D 74 -2.52 16.69 1.13
C TYR D 74 -2.05 15.23 1.16
N ILE D 75 -2.41 14.49 0.12
CA ILE D 75 -2.01 13.10 -0.01
C ILE D 75 -0.48 13.04 0.12
N ALA D 76 0.24 13.97 -0.49
CA ALA D 76 1.72 13.92 -0.46
C ALA D 76 2.23 14.10 0.98
N ASP D 77 1.62 15.02 1.70
CA ASP D 77 1.97 15.26 3.09
C ASP D 77 1.58 14.12 4.02
N LYS D 78 0.59 13.31 3.66
CA LYS D 78 0.23 12.14 4.46
C LYS D 78 1.12 10.92 4.22
N HIS D 79 1.85 10.88 3.10
CA HIS D 79 2.51 9.66 2.64
C HIS D 79 4.00 9.84 2.31
N ASN D 80 4.62 10.83 2.94
CA ASN D 80 6.04 11.10 2.80
C ASN D 80 6.50 11.31 1.34
N LEU D 81 5.69 12.02 0.54
CA LEU D 81 5.99 12.31 -0.86
C LEU D 81 6.32 13.74 -1.09
N PHE D 82 6.40 14.55 -0.02
CA PHE D 82 6.70 15.96 -0.15
C PHE D 82 8.05 16.35 0.46
N GLY D 83 8.98 15.39 0.51
CA GLY D 83 10.35 15.69 0.92
C GLY D 83 10.50 15.78 2.42
N LYS D 84 11.73 16.00 2.88
CA LYS D 84 12.10 15.98 4.32
C LYS D 84 12.21 17.34 4.95
N ASN D 85 12.32 18.37 4.12
CA ASN D 85 12.51 19.73 4.62
C ASN D 85 12.06 20.74 3.58
N LEU D 86 12.16 22.01 3.90
CA LEU D 86 11.61 23.06 3.03
C LEU D 86 12.33 23.16 1.71
N LYS D 87 13.65 22.98 1.72
CA LYS D 87 14.41 23.06 0.49
C LYS D 87 13.89 22.01 -0.48
N GLU D 88 13.72 20.79 0.02
CA GLU D 88 13.25 19.69 -0.81
C GLU D 88 11.81 19.90 -1.24
N ARG D 89 10.97 20.31 -0.30
CA ARG D 89 9.58 20.61 -0.55
C ARG D 89 9.44 21.62 -1.69
N THR D 90 10.29 22.63 -1.68
CA THR D 90 10.18 23.73 -2.61
C THR D 90 10.48 23.26 -4.03
N LEU D 91 11.49 22.40 -4.16
CA LEU D 91 11.86 21.85 -5.46
C LEU D 91 10.73 20.99 -6.01
N ILE D 92 10.16 20.16 -5.15
CA ILE D 92 9.16 19.20 -5.52
C ILE D 92 7.94 19.94 -6.02
N ASP D 93 7.57 20.97 -5.26
CA ASP D 93 6.48 21.87 -5.58
C ASP D 93 6.64 22.48 -6.98
N MET D 94 7.78 23.13 -7.23
CA MET D 94 8.06 23.73 -8.55
C MET D 94 8.03 22.70 -9.68
N TYR D 95 8.59 21.52 -9.40
CA TYR D 95 8.66 20.51 -10.45
C TYR D 95 7.23 20.01 -10.81
N VAL D 96 6.42 19.81 -9.79
CA VAL D 96 5.03 19.44 -9.96
C VAL D 96 4.27 20.51 -10.77
N GLU D 97 4.39 21.78 -10.38
CA GLU D 97 3.69 22.85 -11.05
C GLU D 97 4.06 22.96 -12.56
N GLY D 98 5.35 22.82 -12.88
CA GLY D 98 5.78 22.84 -14.29
C GLY D 98 5.21 21.65 -15.07
N THR D 99 5.30 20.48 -14.47
CA THR D 99 4.87 19.25 -15.11
C THR D 99 3.36 19.30 -15.36
N LEU D 100 2.62 19.77 -14.36
CA LEU D 100 1.18 19.98 -14.51
C LEU D 100 0.83 20.93 -15.66
N ASP D 101 1.66 21.95 -15.90
CA ASP D 101 1.45 22.82 -17.09
C ASP D 101 1.62 22.03 -18.41
N LEU D 102 2.51 21.06 -18.43
CA LEU D 102 2.69 20.22 -19.60
C LEU D 102 1.53 19.21 -19.73
N LEU D 103 1.17 18.57 -18.60
CA LEU D 103 0.03 17.67 -18.57
C LEU D 103 -1.28 18.34 -18.94
N GLU D 104 -1.39 19.64 -18.69
CA GLU D 104 -2.58 20.41 -19.09
C GLU D 104 -2.88 20.28 -20.59
N LEU D 105 -1.83 20.13 -21.40
CA LEU D 105 -2.03 20.02 -22.85
C LEU D 105 -2.73 18.69 -23.17
N LEU D 106 -2.31 17.63 -22.48
CA LEU D 106 -2.93 16.31 -22.61
C LEU D 106 -4.39 16.34 -22.15
N ILE D 107 -4.64 17.04 -21.05
CA ILE D 107 -5.98 17.10 -20.46
C ILE D 107 -6.97 17.83 -21.38
N MET D 108 -6.50 18.86 -22.10
CA MET D 108 -7.35 19.68 -22.93
C MET D 108 -7.42 19.19 -24.36
N HIS D 109 -6.46 18.36 -24.74
CA HIS D 109 -6.41 17.81 -26.08
C HIS D 109 -7.77 17.23 -26.59
N PRO D 110 -8.42 16.34 -25.80
CA PRO D 110 -9.66 15.68 -26.28
C PRO D 110 -10.77 16.63 -26.66
N PHE D 111 -10.72 17.87 -26.16
CA PHE D 111 -11.76 18.86 -26.36
C PHE D 111 -11.44 19.92 -27.41
N LEU D 112 -10.34 19.72 -28.15
CA LEU D 112 -10.02 20.64 -29.23
C LEU D 112 -10.80 20.22 -30.48
N LYS D 113 -11.23 21.22 -31.26
CA LYS D 113 -11.76 20.99 -32.61
C LYS D 113 -10.86 19.95 -33.29
N PRO D 114 -11.44 18.87 -33.83
CA PRO D 114 -10.57 17.82 -34.40
C PRO D 114 -9.52 18.36 -35.37
N ASP D 115 -9.89 19.39 -36.12
CA ASP D 115 -8.94 20.11 -36.98
C ASP D 115 -7.61 20.53 -36.34
N ASP D 116 -7.60 20.85 -35.05
CA ASP D 116 -6.40 21.39 -34.35
C ASP D 116 -5.69 20.39 -33.43
N GLN D 117 -6.22 19.17 -33.31
CA GLN D 117 -5.62 18.18 -32.42
C GLN D 117 -4.21 17.78 -32.87
N GLN D 118 -4.02 17.62 -34.18
CA GLN D 118 -2.69 17.32 -34.73
C GLN D 118 -1.69 18.44 -34.41
N LYS D 119 -2.09 19.69 -34.67
CA LYS D 119 -1.23 20.82 -34.36
C LYS D 119 -0.83 20.81 -32.88
N GLU D 120 -1.78 20.49 -32.01
CA GLU D 120 -1.50 20.48 -30.57
C GLU D 120 -0.55 19.33 -30.18
N VAL D 121 -0.57 18.23 -30.93
CA VAL D 121 0.35 17.14 -30.66
C VAL D 121 1.78 17.64 -30.90
N VAL D 122 1.97 18.33 -32.01
CA VAL D 122 3.28 18.85 -32.36
C VAL D 122 3.74 19.83 -31.28
N ASN D 123 2.86 20.72 -30.82
CA ASN D 123 3.20 21.67 -29.74
C ASN D 123 3.59 20.96 -28.46
N MET D 124 2.85 19.90 -28.12
CA MET D 124 3.14 19.03 -26.96
C MET D 124 4.56 18.56 -27.01
N ALA D 125 4.95 18.07 -28.18
CA ALA D 125 6.26 17.49 -28.41
C ALA D 125 7.33 18.55 -28.22
N GLN D 126 7.11 19.73 -28.80
CA GLN D 126 8.11 20.80 -28.69
C GLN D 126 8.29 21.26 -27.24
N LYS D 127 7.16 21.41 -26.55
CA LYS D 127 7.17 21.86 -25.19
C LYS D 127 7.91 20.90 -24.31
N ALA D 128 7.53 19.63 -24.39
CA ALA D 128 8.18 18.61 -23.58
C ALA D 128 9.67 18.62 -23.87
N ILE D 129 10.02 18.63 -25.15
CA ILE D 129 11.41 18.44 -25.57
C ILE D 129 12.31 19.66 -25.28
N ILE D 130 11.74 20.86 -25.38
CA ILE D 130 12.51 22.09 -25.17
C ILE D 130 12.48 22.58 -23.71
N ARG D 131 11.29 22.57 -23.11
CA ARG D 131 11.07 23.27 -21.87
C ARG D 131 11.20 22.38 -20.63
N TYR D 132 10.76 21.12 -20.71
CA TYR D 132 10.64 20.31 -19.49
C TYR D 132 11.64 19.18 -19.37
N PHE D 133 11.69 18.33 -20.38
CA PHE D 133 12.56 17.17 -20.33
C PHE D 133 14.05 17.49 -20.06
N PRO D 134 14.63 18.53 -20.68
CA PRO D 134 16.05 18.88 -20.36
C PRO D 134 16.26 19.22 -18.90
N VAL D 135 15.27 19.84 -18.27
CA VAL D 135 15.40 20.19 -16.87
C VAL D 135 15.54 18.93 -16.02
N PHE D 136 14.63 17.98 -16.21
CA PHE D 136 14.65 16.77 -15.40
C PHE D 136 15.83 15.84 -15.75
N GLU D 137 16.20 15.83 -17.02
CA GLU D 137 17.37 15.09 -17.50
C GLU D 137 18.64 15.59 -16.81
N LYS D 138 18.84 16.90 -16.84
CA LYS D 138 20.00 17.51 -16.19
C LYS D 138 20.02 17.22 -14.69
N ILE D 139 18.88 17.31 -14.01
CA ILE D 139 18.81 16.99 -12.57
C ILE D 139 19.28 15.55 -12.31
N LEU D 140 18.83 14.62 -13.14
CA LEU D 140 19.11 13.21 -12.93
C LEU D 140 20.58 12.85 -13.22
N ARG D 141 21.13 13.45 -14.27
CA ARG D 141 22.54 13.29 -14.65
C ARG D 141 23.46 13.88 -13.55
N GLY D 142 23.05 15.04 -13.01
CA GLY D 142 23.78 15.74 -11.94
C GLY D 142 23.99 14.95 -10.66
N HIS D 143 22.96 14.26 -10.17
CA HIS D 143 23.10 13.51 -8.92
C HIS D 143 23.14 11.97 -9.05
N GLY D 144 22.78 11.45 -10.22
CA GLY D 144 22.85 10.00 -10.49
C GLY D 144 21.93 9.10 -9.67
N GLN D 145 20.93 9.66 -8.99
CA GLN D 145 19.98 8.89 -8.18
C GLN D 145 18.72 8.61 -8.97
N SER D 146 17.90 7.68 -8.49
CA SER D 146 16.73 7.22 -9.24
C SER D 146 15.46 8.07 -8.98
N PHE D 147 15.64 9.17 -8.25
CA PHE D 147 14.56 10.02 -7.80
C PHE D 147 14.98 11.46 -8.01
N LEU D 148 14.01 12.32 -8.34
CA LEU D 148 14.34 13.71 -8.63
C LEU D 148 14.93 14.44 -7.42
N VAL D 149 14.34 14.21 -6.25
CA VAL D 149 14.64 15.02 -5.05
C VAL D 149 14.77 14.13 -3.83
N GLY D 150 15.84 14.34 -3.06
CA GLY D 150 16.02 13.68 -1.78
C GLY D 150 16.24 12.17 -1.79
N ASN D 151 16.50 11.61 -2.96
CA ASN D 151 16.76 10.18 -3.10
C ASN D 151 15.65 9.28 -2.52
N GLN D 152 14.40 9.75 -2.60
CA GLN D 152 13.24 8.89 -2.40
C GLN D 152 12.05 9.38 -3.21
N LEU D 153 11.08 8.51 -3.39
CA LEU D 153 9.91 8.83 -4.22
C LEU D 153 9.27 10.12 -3.73
N SER D 154 8.97 11.02 -4.66
CA SER D 154 8.20 12.19 -4.31
C SER D 154 7.02 12.38 -5.26
N LEU D 155 6.23 13.39 -4.95
CA LEU D 155 5.08 13.78 -5.78
C LEU D 155 5.55 14.13 -7.19
N ALA D 156 6.74 14.73 -7.30
CA ALA D 156 7.28 15.17 -8.58
C ALA D 156 7.60 13.97 -9.46
N ASP D 157 8.09 12.89 -8.85
CA ASP D 157 8.35 11.65 -9.58
C ASP D 157 7.06 11.05 -10.18
N VAL D 158 6.01 10.97 -9.38
CA VAL D 158 4.77 10.34 -9.78
C VAL D 158 4.10 11.13 -10.91
N ILE D 159 4.03 12.45 -10.75
CA ILE D 159 3.40 13.31 -11.75
C ILE D 159 4.28 13.31 -13.04
N LEU D 160 5.62 13.24 -12.90
CA LEU D 160 6.49 13.26 -14.07
C LEU D 160 6.29 11.99 -14.84
N LEU D 161 6.28 10.86 -14.11
CA LEU D 161 6.03 9.58 -14.74
C LEU D 161 4.68 9.56 -15.47
N GLN D 162 3.61 9.96 -14.80
CA GLN D 162 2.28 9.98 -15.43
C GLN D 162 2.31 10.73 -16.76
N THR D 163 2.96 11.88 -16.73
CA THR D 163 3.03 12.78 -17.87
C THR D 163 3.90 12.24 -18.99
N ILE D 164 5.03 11.63 -18.64
CA ILE D 164 5.87 10.98 -19.63
C ILE D 164 5.10 9.85 -20.32
N LEU D 165 4.50 8.98 -19.54
CA LEU D 165 3.74 7.88 -20.10
C LEU D 165 2.53 8.33 -20.94
N ALA D 166 1.84 9.41 -20.54
CA ALA D 166 0.74 9.92 -21.37
C ALA D 166 1.24 10.56 -22.67
N LEU D 167 2.39 11.24 -22.62
CA LEU D 167 3.00 11.78 -23.83
C LEU D 167 3.43 10.65 -24.78
N GLU D 168 4.12 9.64 -24.26
CA GLU D 168 4.51 8.44 -25.05
C GLU D 168 3.34 7.75 -25.75
N GLU D 169 2.13 7.81 -25.19
CA GLU D 169 0.96 7.27 -25.90
C GLU D 169 0.68 8.02 -27.21
N LYS D 170 1.02 9.31 -27.27
CA LYS D 170 0.83 10.10 -28.49
C LYS D 170 2.07 10.21 -29.33
N ILE D 171 3.23 10.24 -28.67
CA ILE D 171 4.51 10.47 -29.34
C ILE D 171 5.46 9.43 -28.84
N PRO D 172 5.42 8.23 -29.45
CA PRO D 172 6.12 7.07 -28.86
C PRO D 172 7.63 7.21 -28.71
N ASN D 173 8.28 8.05 -29.51
CA ASN D 173 9.76 8.23 -29.40
C ASN D 173 10.21 9.50 -28.66
N ILE D 174 9.33 10.07 -27.84
CA ILE D 174 9.59 11.41 -27.30
C ILE D 174 10.79 11.43 -26.32
N LEU D 175 11.13 10.29 -25.75
CA LEU D 175 12.25 10.21 -24.84
C LEU D 175 13.56 9.82 -25.52
N SER D 176 13.57 9.64 -26.84
CA SER D 176 14.78 9.19 -27.56
C SER D 176 16.05 9.97 -27.18
N ALA D 177 15.96 11.29 -27.10
CA ALA D 177 17.12 12.14 -26.78
C ALA D 177 17.42 12.28 -25.30
N PHE D 178 16.74 11.50 -24.45
CA PHE D 178 16.77 11.71 -23.01
C PHE D 178 17.00 10.39 -22.29
N PRO D 179 18.24 9.88 -22.34
CA PRO D 179 18.51 8.56 -21.79
C PRO D 179 18.37 8.46 -20.27
N PHE D 180 18.70 9.51 -19.54
CA PHE D 180 18.50 9.45 -18.08
C PHE D 180 16.99 9.34 -17.77
N LEU D 181 16.16 10.09 -18.48
CA LEU D 181 14.71 9.96 -18.30
C LEU D 181 14.21 8.57 -18.66
N GLN D 182 14.79 7.99 -19.70
CA GLN D 182 14.48 6.64 -20.15
C GLN D 182 14.70 5.66 -19.03
N GLU D 183 15.89 5.68 -18.47
CA GLU D 183 16.21 4.75 -17.39
C GLU D 183 15.34 5.01 -16.14
N TYR D 184 15.19 6.28 -15.80
CA TYR D 184 14.39 6.71 -14.65
C TYR D 184 12.94 6.22 -14.80
N THR D 185 12.41 6.31 -16.00
CA THR D 185 11.06 5.82 -16.28
C THR D 185 10.95 4.33 -16.07
N VAL D 186 11.97 3.60 -16.49
CA VAL D 186 11.95 2.14 -16.35
C VAL D 186 11.97 1.74 -14.87
N LYS D 187 12.85 2.35 -14.09
CA LYS D 187 12.96 2.04 -12.65
C LYS D 187 11.69 2.45 -11.88
N LEU D 188 11.16 3.65 -12.13
CA LEU D 188 9.88 4.05 -11.49
C LEU D 188 8.78 3.06 -11.78
N SER D 189 8.63 2.66 -13.04
CA SER D 189 7.56 1.73 -13.45
C SER D 189 7.75 0.33 -12.85
N ASN D 190 8.89 0.07 -12.22
CA ASN D 190 9.13 -1.21 -11.57
C ASN D 190 9.03 -1.17 -10.05
N ILE D 191 8.80 0.01 -9.48
CA ILE D 191 8.41 0.11 -8.09
C ILE D 191 7.08 -0.63 -7.94
N PRO D 192 6.98 -1.56 -6.98
CA PRO D 192 5.85 -2.51 -7.03
C PRO D 192 4.46 -1.88 -7.05
N THR D 193 4.25 -0.83 -6.25
CA THR D 193 2.96 -0.15 -6.26
C THR D 193 2.62 0.40 -7.64
N ILE D 194 3.63 0.92 -8.33
CA ILE D 194 3.41 1.54 -9.65
C ILE D 194 3.26 0.44 -10.69
N LYS D 195 4.08 -0.58 -10.57
CA LYS D 195 4.02 -1.71 -11.48
C LYS D 195 2.61 -2.29 -11.49
N ARG D 196 2.01 -2.42 -10.30
CA ARG D 196 0.61 -2.92 -10.18
C ARG D 196 -0.43 -1.98 -10.74
N PHE D 197 -0.20 -0.68 -10.56
CA PHE D 197 -1.08 0.32 -11.15
C PHE D 197 -1.02 0.24 -12.66
N LEU D 198 0.15 -0.02 -13.22
CA LEU D 198 0.26 -0.10 -14.68
C LEU D 198 -0.36 -1.40 -15.26
N GLU D 199 -0.60 -2.40 -14.42
CA GLU D 199 -1.16 -3.67 -14.92
C GLU D 199 -2.67 -3.58 -15.10
N PRO D 200 -3.24 -4.43 -15.97
CA PRO D 200 -4.69 -4.42 -16.15
C PRO D 200 -5.42 -4.74 -14.86
N GLY D 201 -6.64 -4.22 -14.72
CA GLY D 201 -7.42 -4.49 -13.52
C GLY D 201 -7.20 -3.46 -12.42
N SER D 202 -6.14 -2.64 -12.52
CA SER D 202 -5.99 -1.47 -11.61
C SER D 202 -7.07 -0.45 -11.90
N LYS D 203 -7.05 0.66 -11.18
CA LYS D 203 -8.00 1.73 -11.41
C LYS D 203 -7.48 2.79 -12.38
N LYS D 204 -6.32 2.53 -12.98
CA LYS D 204 -5.77 3.41 -13.99
C LYS D 204 -6.75 3.53 -15.14
N LYS D 205 -7.00 4.74 -15.62
CA LYS D 205 -7.97 4.95 -16.68
C LYS D 205 -7.29 4.95 -18.06
N PRO D 206 -8.02 4.53 -19.09
CA PRO D 206 -7.47 4.49 -20.44
C PRO D 206 -7.45 5.91 -21.06
N PRO D 207 -6.74 6.11 -22.17
CA PRO D 207 -6.83 7.41 -22.81
C PRO D 207 -8.30 7.72 -23.20
N PRO D 208 -8.67 9.01 -23.19
CA PRO D 208 -10.06 9.40 -23.36
C PRO D 208 -10.55 9.24 -24.80
N ASP D 209 -11.70 8.61 -24.98
CA ASP D 209 -12.20 8.38 -26.33
C ASP D 209 -13.41 9.25 -26.60
N GLU D 210 -14.01 9.08 -27.77
CA GLU D 210 -15.10 9.93 -28.19
C GLU D 210 -16.32 9.73 -27.29
N ILE D 211 -16.51 8.51 -26.80
CA ILE D 211 -17.59 8.20 -25.83
C ILE D 211 -17.45 9.05 -24.59
N TYR D 212 -16.30 8.95 -23.92
CA TYR D 212 -16.00 9.75 -22.72
C TYR D 212 -16.14 11.25 -22.95
N VAL D 213 -15.77 11.72 -24.14
CA VAL D 213 -15.81 13.15 -24.43
C VAL D 213 -17.27 13.61 -24.52
N ARG D 214 -18.07 12.86 -25.26
CA ARG D 214 -19.51 13.15 -25.36
C ARG D 214 -20.13 13.16 -23.97
N THR D 215 -19.76 12.16 -23.18
CA THR D 215 -20.27 12.02 -21.82
C THR D 215 -19.98 13.24 -20.95
N VAL D 216 -18.78 13.84 -21.01
CA VAL D 216 -18.49 14.98 -20.10
C VAL D 216 -19.09 16.28 -20.62
N TYR D 217 -19.12 16.45 -21.95
CA TYR D 217 -19.85 17.58 -22.54
C TYR D 217 -21.30 17.57 -22.02
N ASN D 218 -21.90 16.40 -22.05
CA ASN D 218 -23.29 16.25 -21.61
C ASN D 218 -23.43 16.54 -20.12
N ILE D 219 -22.51 16.04 -19.31
CA ILE D 219 -22.54 16.25 -17.85
C ILE D 219 -22.39 17.70 -17.45
N PHE D 220 -21.47 18.39 -18.11
CA PHE D 220 -21.13 19.76 -17.72
C PHE D 220 -21.81 20.83 -18.58
N ARG D 221 -22.86 20.48 -19.33
CA ARG D 221 -23.59 21.41 -20.22
C ARG D 221 -24.36 22.46 -19.42
C1 BOB E . -2.83 -25.32 3.17
N1 BOB E . -2.23 -27.35 4.38
C2 BOB E . -8.28 -28.66 -0.84
N2 BOB E . -7.09 -27.43 0.75
O2 BOB E . -7.84 -27.89 -1.83
C3 BOB E . -8.70 -31.85 -2.82
N3 BOB E . -8.57 -29.93 -1.18
O11 BOB E . -2.95 -24.76 4.27
O12 BOB E . -2.74 -24.66 2.11
O31 BOB E . -9.45 -32.16 -3.79
O32 BOB E . -8.14 -32.68 -2.07
C40 BOB E . -10.75 -25.81 3.20
C42 BOB E . -11.17 -27.16 3.81
C43 BOB E . -11.91 -28.13 2.88
C44 BOB E . -13.18 -28.64 3.56
C45 BOB E . -13.94 -29.67 2.73
C46 BOB E . -15.14 -30.18 3.51
C47 BOB E . -14.95 -29.94 4.99
C54 BOB E . -11.98 -25.01 2.72
C55 BOB E . -12.43 -24.11 3.86
O56 BOB E . -13.71 -23.53 3.58
O60 BOB E . -9.99 -27.76 4.37
CA1 BOB E . -2.85 -26.82 3.17
CA2 BOB E . -8.39 -28.07 0.54
CA3 BOB E . -8.43 -30.37 -2.57
CB1 BOB E . -4.27 -27.32 3.15
CB2 BOB E . -9.52 -27.01 0.62
CD1 BOB E . -6.27 -27.73 1.75
OE1 BOB E . -6.63 -28.62 2.67
CG1 BOB E . -4.94 -27.03 1.82
SG2 BOB E . -9.46 -25.86 1.96
C1 BOB F . 3.04 -28.22 16.93
N1 BOB F . 0.92 -27.31 16.08
C2 BOB F . 0.20 -31.23 23.20
N2 BOB F . 0.97 -30.90 20.98
O2 BOB F . 1.33 -30.75 23.71
C3 BOB F . -2.19 -30.24 25.83
N3 BOB F . -0.89 -31.16 23.95
O11 BOB F . 3.29 -28.75 15.83
O12 BOB F . 3.93 -28.03 17.77
O31 BOB F . -2.37 -30.33 27.07
O32 BOB F . -3.05 -29.86 25.01
C40 BOB F . 0.67 -35.27 19.59
C42 BOB F . -0.87 -35.35 19.63
C43 BOB F . -1.54 -35.29 21.01
C44 BOB F . -2.90 -35.99 20.98
C45 BOB F . -2.77 -37.48 21.30
C46 BOB F . -4.12 -38.13 21.56
C47 BOB F . -5.12 -37.75 20.47
C54 BOB F . 1.30 -36.57 20.14
C55 BOB F . 1.64 -37.52 18.98
O56 BOB F . 2.22 -38.74 19.44
O60 BOB F . -1.38 -34.29 18.82
CA1 BOB F . 1.61 -27.79 17.26
CA2 BOB F . 0.20 -31.83 21.83
CA3 BOB F . -0.83 -30.59 25.29
CB1 BOB F . 0.80 -28.94 17.85
CB2 BOB F . 0.91 -33.18 21.89
CD1 BOB F . 0.53 -30.41 19.85
OE1 BOB F . -0.65 -30.77 19.34
CG1 BOB F . 1.43 -29.45 19.14
SG2 BOB F . 1.41 -33.80 20.30
C1 BOB G . 2.97 30.28 -13.47
N1 BOB G . 1.87 28.34 -14.45
C2 BOB G . 5.62 33.31 -19.83
N2 BOB G . 4.30 32.80 -17.90
O2 BOB G . 6.72 33.48 -19.08
C3 BOB G . 7.28 31.78 -22.73
N3 BOB G . 5.82 32.99 -21.11
O11 BOB G . 1.89 30.55 -12.93
O12 BOB G . 4.06 30.80 -13.11
O31 BOB G . 8.18 31.92 -23.59
O32 BOB G . 6.51 30.79 -22.66
C40 BOB G . 1.01 36.04 -18.34
C42 BOB G . 0.30 35.22 -19.45
C43 BOB G . -0.20 35.96 -20.69
C44 BOB G . 0.87 36.35 -21.72
C45 BOB G . 0.55 35.90 -23.14
C46 BOB G . 0.01 37.00 -24.04
C47 BOB G . -1.31 36.60 -24.66
C54 BOB G . 1.27 37.55 -18.60
C55 BOB G . 0.14 38.48 -18.08
O56 BOB G . 0.56 39.85 -17.91
O60 BOB G . 1.16 34.14 -19.86
CA1 BOB G . 2.94 29.31 -14.62
CA2 BOB G . 4.25 33.45 -19.22
CA3 BOB G . 7.16 32.85 -21.68
CB1 BOB G . 2.72 30.07 -15.92
CB2 BOB G . 3.82 34.92 -19.07
CD1 BOB G . 3.49 31.83 -17.52
OE1 BOB G . 2.51 31.39 -18.33
CG1 BOB G . 3.69 31.23 -16.15
SG2 BOB G . 2.55 35.24 -17.86
C1 BOB H . -9.04 21.80 -10.35
N1 BOB H . -8.88 24.12 -10.91
C2 BOB H . -16.12 21.17 -13.26
N2 BOB H . -13.74 21.07 -13.01
O2 BOB H . -16.33 20.40 -12.17
C3 BOB H . -18.90 23.54 -13.53
N3 BOB H . -17.06 22.00 -13.68
O11 BOB H . -7.96 21.52 -10.93
O12 BOB H . -9.49 21.06 -9.46
O31 BOB H . -20.15 23.63 -13.73
O32 BOB H . -18.10 24.48 -13.69
C40 BOB H . -12.34 19.21 -16.98
C42 BOB H . -12.53 20.24 -18.13
C43 BOB H . -13.82 21.07 -18.21
C44 BOB H . -14.89 20.46 -19.12
C45 BOB H . -14.50 20.45 -20.60
C46 BOB H . -15.42 21.29 -21.50
C47 BOB H . -16.85 20.78 -21.50
C54 BOB H . -12.77 17.81 -17.44
C55 BOB H . -11.57 17.07 -18.04
O56 BOB H . -11.93 15.75 -18.45
O60 BOB H . -11.42 21.16 -18.07
CA1 BOB H . -9.82 23.03 -10.70
CA2 BOB H . -14.81 21.11 -14.02
CA3 BOB H . -18.36 22.21 -13.06
CB1 BOB H . -10.70 22.89 -11.95
CB2 BOB H . -14.71 19.88 -14.94
CD1 BOB H . -12.70 21.90 -13.04
OE1 BOB H . -12.61 22.78 -14.03
CG1 BOB H . -11.67 21.73 -11.93
SG2 BOB H . -13.00 19.58 -15.36
S SO4 I . -28.78 14.10 -17.49
O1 SO4 I . -28.99 14.30 -16.06
O2 SO4 I . -29.01 12.70 -17.84
O3 SO4 I . -29.78 14.92 -18.17
O4 SO4 I . -27.44 14.46 -17.97
#